data_4A3V
#
_entry.id   4A3V
#
_cell.length_a   186.660
_cell.length_b   186.660
_cell.length_c   373.770
_cell.angle_alpha   90.00
_cell.angle_beta   90.00
_cell.angle_gamma   120.00
#
_symmetry.space_group_name_H-M   'P 65 2 2'
#
loop_
_entity.id
_entity.type
_entity.pdbx_description
1 polymer 'DNA MISMATCH REPAIR PROTEIN HSM3'
2 polymer '26S PROTEASE REGULATORY SUBUNIT 7 HOMOLOG'
3 polymer LINKER
#
loop_
_entity_poly.entity_id
_entity_poly.type
_entity_poly.pdbx_seq_one_letter_code
_entity_poly.pdbx_strand_id
1 'polypeptide(L)'
;GAMADPSEKETNYVENLLTQLENELNEDNLPEDINTLLRKCSLNLVTVVSLPDMDVKPLLATIKRFLTSNVSYDSLNYDY
LLDVVDKLVPMADFDDVLEVYSAEDLVKALRSEIDPLKVAACRVIENSQPKGLFATSNIIDILLDILFDEKVENDKLITA
IEKALERLSTDELIRRRLFDNNLPYLVSVKGRMETVSFVRLIDFLTIEFQFISGPEFKDIIFCFTKEEILKSVEDILVFI
ELVNYYTKFLLEIRNQDKYWALRHVKKILPVFAQLFEDTENYPDVRAFSTNCLLQLFAEVSRIEEDEYSLFKTMDKDSLK
IGSEAKLITEWLELINPQYLVKYHKDVVENYFHVSGYSIGMLRNLSADEECFNAIRNKFSAEIVLRLPYLEQMQVVETLT
RYEYTSKFLLNEMPKVMGSLIGDGSAGAIIDLETVHYRNSALRNLLDKGEEKLSVWYEPLLREYSKAVNGKNYSTGSETK
IADCRSGSGGLEVLFQ
;
A,C
2 'polypeptide(L)'
;GPGGSSLPDLEGRANIFRIHSKSMSVERGIRWELISRLCPNSTGAELRSVCTEAGMFAIRARRKVATEKDFLKAVDKVIS
GYKKFSSTSRYMQYN
;
B,D
3 'polypeptide(L)' (UNK)(UNK)(UNK)(UNK)(UNK)(UNK)(UNK)(UNK)(UNK)(UNK) E
#
# COMPACT_ATOMS: atom_id res chain seq x y z
N LYS A 9 -1.02 18.44 14.36
CA LYS A 9 -0.58 19.51 15.25
C LYS A 9 0.96 19.57 15.35
N GLU A 10 1.51 20.70 15.87
CA GLU A 10 2.95 20.93 16.05
C GLU A 10 3.49 20.14 17.26
N THR A 11 4.18 19.01 16.98
CA THR A 11 4.75 18.09 17.97
C THR A 11 6.11 18.50 18.54
N ASN A 12 6.07 19.46 19.48
CA ASN A 12 7.23 19.94 20.23
C ASN A 12 7.49 18.80 21.24
N TYR A 13 6.42 18.48 22.02
CA TYR A 13 6.12 17.44 22.99
C TYR A 13 7.07 16.27 23.00
N VAL A 14 7.52 15.85 21.81
CA VAL A 14 8.44 14.75 21.65
C VAL A 14 9.83 15.08 22.21
N GLU A 15 10.35 16.29 21.92
CA GLU A 15 11.64 16.73 22.46
C GLU A 15 11.57 16.98 23.98
N ASN A 16 10.38 17.33 24.49
CA ASN A 16 10.12 17.56 25.92
C ASN A 16 10.27 16.24 26.69
N LEU A 17 9.89 15.13 26.04
CA LEU A 17 9.96 13.77 26.58
C LEU A 17 11.41 13.23 26.58
N LEU A 18 12.23 13.67 25.61
CA LEU A 18 13.62 13.22 25.48
C LEU A 18 14.53 13.93 26.48
N THR A 19 14.36 15.25 26.64
CA THR A 19 15.13 16.08 27.55
C THR A 19 14.88 15.65 29.00
N GLN A 20 13.60 15.34 29.35
CA GLN A 20 13.23 14.89 30.71
C GLN A 20 13.79 13.51 31.07
N LEU A 21 14.11 12.70 30.04
CA LEU A 21 14.72 11.39 30.18
C LEU A 21 16.20 11.64 30.49
N GLU A 22 16.86 12.48 29.65
CA GLU A 22 18.25 12.91 29.77
C GLU A 22 18.59 13.37 31.21
N ASN A 23 17.63 14.09 31.85
CA ASN A 23 17.76 14.60 33.21
C ASN A 23 17.63 13.48 34.25
N GLU A 24 16.60 12.62 34.13
CA GLU A 24 16.35 11.51 35.05
C GLU A 24 17.44 10.44 35.06
N LEU A 25 18.25 10.39 33.97
CA LEU A 25 19.38 9.46 33.79
C LEU A 25 20.69 10.03 34.38
N ASN A 26 20.98 11.32 34.12
CA ASN A 26 22.18 12.02 34.62
C ASN A 26 22.16 12.29 36.13
N GLU A 27 21.02 12.01 36.78
CA GLU A 27 20.78 12.14 38.22
C GLU A 27 21.65 11.16 38.99
N ASP A 28 21.96 11.53 40.26
CA ASP A 28 22.75 10.73 41.20
C ASP A 28 22.09 9.37 41.47
N ASN A 29 20.75 9.37 41.57
CA ASN A 29 19.92 8.18 41.74
C ASN A 29 18.76 8.24 40.74
N LEU A 30 18.40 7.07 40.17
CA LEU A 30 17.37 6.94 39.14
C LEU A 30 16.00 6.48 39.67
N PRO A 31 14.87 7.03 39.13
CA PRO A 31 13.55 6.66 39.68
C PRO A 31 13.01 5.29 39.31
N GLU A 32 11.82 4.95 39.84
CA GLU A 32 11.10 3.70 39.57
C GLU A 32 10.41 3.82 38.20
N ASP A 33 9.81 5.01 37.95
CA ASP A 33 9.08 5.39 36.75
C ASP A 33 9.87 5.30 35.43
N ILE A 34 11.23 5.39 35.50
CA ILE A 34 12.16 5.37 34.36
C ILE A 34 11.77 4.43 33.21
N ASN A 35 11.36 3.19 33.54
CA ASN A 35 10.94 2.18 32.57
C ASN A 35 9.67 2.60 31.82
N THR A 36 8.69 3.18 32.53
CA THR A 36 7.45 3.67 31.92
C THR A 36 7.72 4.90 31.06
N LEU A 37 8.78 5.67 31.40
CA LEU A 37 9.23 6.85 30.67
C LEU A 37 9.91 6.42 29.38
N LEU A 38 10.84 5.44 29.46
CA LEU A 38 11.56 4.88 28.31
C LEU A 38 10.58 4.27 27.29
N ARG A 39 9.52 3.59 27.80
CA ARG A 39 8.44 2.98 27.03
C ARG A 39 7.66 4.12 26.35
N LYS A 40 7.45 5.25 27.08
CA LYS A 40 6.76 6.42 26.52
C LYS A 40 7.65 7.10 25.47
N CYS A 41 8.97 7.00 25.61
CA CYS A 41 9.92 7.55 24.64
C CYS A 41 9.87 6.74 23.34
N SER A 42 9.96 5.39 23.45
CA SER A 42 9.91 4.45 22.33
C SER A 42 8.60 4.57 21.53
N LEU A 43 7.47 4.72 22.24
CA LEU A 43 6.13 4.82 21.66
C LEU A 43 5.98 6.11 20.86
N ASN A 44 6.47 7.23 21.41
CA ASN A 44 6.39 8.56 20.79
C ASN A 44 7.47 8.82 19.74
N LEU A 45 8.37 7.87 19.55
CA LEU A 45 9.42 7.99 18.54
C LEU A 45 9.08 7.24 17.25
N VAL A 46 8.09 6.32 17.30
CA VAL A 46 7.58 5.62 16.12
C VAL A 46 6.79 6.69 15.37
N THR A 47 5.87 7.35 16.10
CA THR A 47 5.05 8.49 15.66
C THR A 47 5.98 9.69 15.57
N VAL A 48 5.63 10.70 14.75
CA VAL A 48 6.41 11.92 14.48
C VAL A 48 7.55 11.56 13.50
N VAL A 49 7.72 12.36 12.46
CA VAL A 49 8.80 12.18 11.49
C VAL A 49 10.03 12.94 12.01
N SER A 50 11.27 12.62 11.55
CA SER A 50 12.59 13.23 11.93
C SER A 50 12.46 14.71 12.40
N LEU A 51 12.15 14.94 13.63
CA LEU A 51 11.94 16.35 13.96
C LEU A 51 12.67 17.01 15.04
N PRO A 52 12.60 16.55 16.31
CA PRO A 52 13.07 17.36 17.46
C PRO A 52 14.40 18.13 17.46
N ASP A 53 14.34 19.26 16.75
CA ASP A 53 15.48 20.13 16.51
C ASP A 53 16.43 20.56 17.61
N MET A 54 17.34 19.62 17.80
CA MET A 54 18.56 19.66 18.61
C MET A 54 19.40 18.45 18.21
N ASP A 55 20.73 18.62 18.20
CA ASP A 55 21.73 17.62 17.79
C ASP A 55 21.80 16.25 18.58
N VAL A 56 20.86 16.02 19.55
CA VAL A 56 20.70 14.82 20.41
C VAL A 56 21.94 14.32 21.17
N LYS A 57 23.11 14.96 20.93
CA LYS A 57 24.39 14.66 21.56
C LYS A 57 24.27 14.43 23.07
N PRO A 58 23.51 15.23 23.88
CA PRO A 58 23.43 14.96 25.32
C PRO A 58 22.85 13.59 25.70
N LEU A 59 21.69 13.22 25.13
CA LEU A 59 21.03 11.94 25.43
C LEU A 59 21.79 10.73 24.93
N LEU A 60 22.49 10.87 23.79
CA LEU A 60 23.29 9.78 23.24
C LEU A 60 24.60 9.60 24.02
N ALA A 61 25.14 10.69 24.60
CA ALA A 61 26.33 10.66 25.45
C ALA A 61 25.99 9.94 26.74
N THR A 62 24.82 10.29 27.31
CA THR A 62 24.26 9.72 28.54
C THR A 62 23.92 8.25 28.33
N ILE A 63 23.41 7.90 27.13
CA ILE A 63 23.07 6.52 26.80
C ILE A 63 24.32 5.63 26.65
N LYS A 64 25.37 6.13 25.94
CA LYS A 64 26.65 5.43 25.73
C LYS A 64 27.36 5.19 27.05
N ARG A 65 27.26 6.17 27.96
CA ARG A 65 27.83 6.16 29.30
C ARG A 65 27.13 5.09 30.13
N PHE A 66 25.78 5.01 30.01
CA PHE A 66 24.95 4.06 30.73
C PHE A 66 25.18 2.61 30.35
N LEU A 67 25.58 2.37 29.10
CA LEU A 67 25.81 1.04 28.57
C LEU A 67 27.21 0.53 28.92
N THR A 68 28.28 1.37 28.69
CA THR A 68 29.67 1.04 29.00
C THR A 68 29.79 0.73 30.50
N SER A 69 28.95 1.40 31.31
CA SER A 69 28.83 1.15 32.73
C SER A 69 27.87 -0.03 32.85
N ASN A 70 28.45 -1.23 32.99
CA ASN A 70 27.76 -2.52 33.13
C ASN A 70 26.61 -2.50 34.13
N VAL A 71 26.74 -1.66 35.18
CA VAL A 71 25.85 -1.42 36.32
C VAL A 71 24.44 -1.97 36.20
N SER A 72 24.15 -2.97 37.05
CA SER A 72 22.86 -3.64 37.11
C SER A 72 21.92 -2.83 37.99
N TYR A 73 20.73 -2.53 37.47
CA TYR A 73 19.74 -1.76 38.20
C TYR A 73 18.53 -2.60 38.50
N ASP A 74 18.02 -2.47 39.73
CA ASP A 74 16.86 -3.19 40.26
C ASP A 74 15.58 -2.82 39.50
N SER A 75 15.48 -1.55 39.10
CA SER A 75 14.35 -1.01 38.36
C SER A 75 14.57 -1.09 36.85
N LEU A 76 15.71 -0.54 36.34
CA LEU A 76 16.06 -0.47 34.91
C LEU A 76 16.12 -1.79 34.14
N ASN A 77 15.24 -1.89 33.13
CA ASN A 77 15.11 -2.99 32.20
C ASN A 77 15.83 -2.54 30.93
N TYR A 78 17.15 -2.83 30.86
CA TYR A 78 18.09 -2.47 29.80
C TYR A 78 17.58 -2.54 28.37
N ASP A 79 16.61 -3.44 28.12
CA ASP A 79 15.98 -3.62 26.81
C ASP A 79 15.21 -2.37 26.38
N TYR A 80 14.34 -1.80 27.27
CA TYR A 80 13.53 -0.60 27.03
C TYR A 80 14.39 0.58 26.61
N LEU A 81 15.63 0.65 27.15
CA LEU A 81 16.63 1.67 26.87
C LEU A 81 17.14 1.47 25.45
N LEU A 82 17.61 0.26 25.12
CA LEU A 82 18.12 -0.09 23.80
C LEU A 82 17.05 0.07 22.69
N ASP A 83 15.76 -0.07 23.06
CA ASP A 83 14.59 0.13 22.20
C ASP A 83 14.59 1.60 21.76
N VAL A 84 14.91 2.52 22.71
CA VAL A 84 15.01 3.97 22.47
C VAL A 84 16.18 4.20 21.52
N VAL A 85 17.34 3.59 21.81
CA VAL A 85 18.56 3.70 20.99
C VAL A 85 18.30 3.27 19.55
N ASP A 86 17.63 2.11 19.37
CA ASP A 86 17.29 1.60 18.05
C ASP A 86 16.47 2.60 17.24
N LYS A 87 15.50 3.27 17.89
CA LYS A 87 14.59 4.23 17.27
C LYS A 87 15.20 5.62 17.12
N LEU A 88 16.18 5.98 17.96
CA LEU A 88 16.82 7.29 17.96
C LEU A 88 17.86 7.46 16.87
N VAL A 89 18.86 6.56 16.81
CA VAL A 89 19.97 6.57 15.85
C VAL A 89 19.58 6.82 14.37
N PRO A 90 18.55 6.13 13.79
CA PRO A 90 18.18 6.41 12.39
C PRO A 90 17.58 7.81 12.16
N MET A 91 16.71 8.27 13.08
CA MET A 91 16.07 9.60 13.01
C MET A 91 17.08 10.71 13.16
N ALA A 92 18.10 10.50 14.02
CA ALA A 92 19.16 11.45 14.32
C ALA A 92 20.15 11.65 13.18
N ASP A 93 20.78 12.84 13.16
CA ASP A 93 21.80 13.24 12.19
C ASP A 93 23.05 12.42 12.48
N PHE A 94 23.40 11.48 11.57
CA PHE A 94 24.53 10.57 11.73
C PHE A 94 25.90 11.21 11.96
N ASP A 95 26.14 12.41 11.38
CA ASP A 95 27.40 13.15 11.55
C ASP A 95 27.60 13.50 13.03
N ASP A 96 26.49 13.87 13.72
CA ASP A 96 26.53 14.18 15.15
C ASP A 96 26.53 12.92 15.99
N VAL A 97 26.03 11.79 15.43
CA VAL A 97 26.03 10.48 16.12
C VAL A 97 27.47 9.95 16.15
N LEU A 98 28.24 10.18 15.07
CA LEU A 98 29.63 9.77 14.97
C LEU A 98 30.52 10.46 16.00
N GLU A 99 30.06 11.60 16.56
CA GLU A 99 30.79 12.32 17.60
C GLU A 99 30.78 11.50 18.88
N VAL A 100 29.58 11.05 19.33
CA VAL A 100 29.40 10.25 20.54
C VAL A 100 29.99 8.83 20.40
N TYR A 101 29.54 8.09 19.37
CA TYR A 101 30.04 6.75 19.06
C TYR A 101 31.03 6.92 17.92
N SER A 102 32.29 7.26 18.26
CA SER A 102 33.33 7.48 17.27
C SER A 102 33.76 6.18 16.59
N ALA A 103 34.42 6.29 15.42
CA ALA A 103 34.92 5.15 14.67
C ALA A 103 35.68 4.21 15.61
N GLU A 104 36.53 4.78 16.47
CA GLU A 104 37.29 4.03 17.45
C GLU A 104 36.45 3.54 18.63
N ASP A 105 35.45 4.33 19.06
CA ASP A 105 34.56 3.96 20.16
C ASP A 105 33.84 2.65 19.85
N LEU A 106 33.45 2.45 18.57
CA LEU A 106 32.74 1.25 18.12
C LEU A 106 33.66 0.02 18.12
N VAL A 107 34.92 0.18 17.68
CA VAL A 107 35.93 -0.90 17.69
C VAL A 107 36.03 -1.38 19.15
N LYS A 108 36.12 -0.42 20.09
CA LYS A 108 36.19 -0.60 21.55
C LYS A 108 34.97 -1.37 22.06
N ALA A 109 33.76 -0.88 21.72
CA ALA A 109 32.49 -1.47 22.12
C ALA A 109 32.31 -2.92 21.70
N LEU A 110 32.50 -3.22 20.40
CA LEU A 110 32.35 -4.55 19.81
C LEU A 110 33.38 -5.57 20.30
N ARG A 111 34.51 -5.09 20.84
CA ARG A 111 35.55 -5.95 21.37
C ARG A 111 35.42 -6.13 22.87
N SER A 112 34.49 -5.39 23.48
CA SER A 112 34.24 -5.43 24.92
C SER A 112 33.55 -6.73 25.34
N GLU A 113 33.07 -6.76 26.58
CA GLU A 113 32.34 -7.90 27.11
C GLU A 113 30.94 -7.48 27.53
N ILE A 114 30.61 -6.20 27.32
CA ILE A 114 29.29 -5.64 27.63
C ILE A 114 28.40 -5.88 26.43
N ASP A 115 27.55 -6.94 26.48
CA ASP A 115 26.62 -7.27 25.41
C ASP A 115 25.67 -6.11 25.05
N PRO A 116 24.95 -5.43 25.99
CA PRO A 116 24.10 -4.31 25.59
C PRO A 116 24.82 -3.16 24.88
N LEU A 117 26.09 -2.93 25.20
CA LEU A 117 26.89 -1.89 24.55
C LEU A 117 27.19 -2.29 23.10
N LYS A 118 27.50 -3.59 22.89
CA LYS A 118 27.79 -4.13 21.57
C LYS A 118 26.60 -3.82 20.66
N VAL A 119 25.36 -4.18 21.11
CA VAL A 119 24.07 -3.97 20.42
C VAL A 119 23.89 -2.54 19.98
N ALA A 120 24.25 -1.57 20.87
CA ALA A 120 24.17 -0.13 20.60
C ALA A 120 25.02 0.19 19.36
N ALA A 121 26.28 -0.35 19.32
CA ALA A 121 27.23 -0.19 18.21
C ALA A 121 26.58 -0.66 16.87
N CYS A 122 25.94 -1.85 16.91
CA CYS A 122 25.25 -2.47 15.79
C CYS A 122 24.07 -1.65 15.27
N ARG A 123 23.53 -0.76 16.10
CA ARG A 123 22.41 0.08 15.69
C ARG A 123 23.02 1.30 14.99
N VAL A 124 24.23 1.72 15.46
CA VAL A 124 25.01 2.85 14.91
C VAL A 124 25.53 2.43 13.52
N ILE A 125 26.21 1.26 13.47
CA ILE A 125 26.79 0.64 12.27
C ILE A 125 25.70 0.35 11.23
N GLU A 126 24.49 0.01 11.70
CA GLU A 126 23.32 -0.24 10.84
C GLU A 126 22.99 1.06 10.10
N ASN A 127 22.90 2.14 10.88
CA ASN A 127 22.54 3.44 10.33
C ASN A 127 23.76 4.25 9.85
N SER A 128 24.78 3.56 9.23
CA SER A 128 25.97 4.23 8.70
C SER A 128 25.68 5.03 7.43
N GLN A 129 26.05 6.32 7.43
CA GLN A 129 25.86 7.26 6.33
C GLN A 129 27.15 8.04 6.06
N PRO A 130 27.84 7.85 4.90
CA PRO A 130 27.53 6.94 3.78
C PRO A 130 27.69 5.51 4.25
N LYS A 131 27.12 4.56 3.51
CA LYS A 131 27.19 3.17 3.91
C LYS A 131 28.60 2.59 4.10
N GLY A 132 29.48 2.83 3.12
CA GLY A 132 30.86 2.36 3.16
C GLY A 132 31.82 3.14 4.05
N LEU A 133 31.31 3.68 5.17
CA LEU A 133 32.08 4.47 6.13
C LEU A 133 33.13 3.64 6.81
N PHE A 134 32.70 2.56 7.44
CA PHE A 134 33.58 1.66 8.19
C PHE A 134 34.17 0.53 7.32
N ALA A 135 34.04 0.65 5.99
CA ALA A 135 34.57 -0.32 5.03
C ALA A 135 36.09 -0.23 4.93
N THR A 136 36.66 0.95 5.26
CA THR A 136 38.09 1.22 5.27
C THR A 136 38.69 0.58 6.52
N SER A 137 37.92 0.60 7.63
CA SER A 137 38.28 0.06 8.94
C SER A 137 37.91 -1.42 9.08
N ASN A 138 38.41 -2.04 10.16
CA ASN A 138 38.14 -3.45 10.49
C ASN A 138 36.86 -3.63 11.32
N ILE A 139 35.95 -2.64 11.32
CA ILE A 139 34.67 -2.73 12.05
C ILE A 139 33.81 -3.85 11.46
N ILE A 140 33.88 -4.03 10.13
CA ILE A 140 33.17 -5.11 9.46
C ILE A 140 33.75 -6.45 9.92
N ASP A 141 35.09 -6.55 9.97
CA ASP A 141 35.85 -7.73 10.38
C ASP A 141 35.43 -8.24 11.77
N ILE A 142 35.27 -7.30 12.76
CA ILE A 142 34.86 -7.59 14.14
C ILE A 142 33.50 -8.28 14.15
N LEU A 143 32.47 -7.64 13.55
CA LEU A 143 31.11 -8.16 13.46
C LEU A 143 31.04 -9.63 13.01
N LEU A 144 31.87 -10.01 12.03
CA LEU A 144 31.93 -11.37 11.51
C LEU A 144 32.44 -12.34 12.54
N ASP A 145 33.39 -11.91 13.39
CA ASP A 145 33.94 -12.77 14.45
C ASP A 145 32.89 -13.01 15.53
N ILE A 146 32.00 -12.02 15.77
CA ILE A 146 30.94 -12.14 16.75
C ILE A 146 29.86 -13.05 16.18
N LEU A 147 29.41 -12.77 14.93
CA LEU A 147 28.38 -13.51 14.22
C LEU A 147 28.67 -15.00 14.09
N PHE A 148 29.92 -15.35 13.78
CA PHE A 148 30.30 -16.75 13.59
C PHE A 148 30.87 -17.51 14.81
N ASP A 149 30.65 -16.94 16.00
CA ASP A 149 31.07 -17.55 17.25
C ASP A 149 29.86 -18.17 17.92
N GLU A 150 29.81 -19.50 17.91
CA GLU A 150 28.72 -20.31 18.46
C GLU A 150 28.44 -20.05 19.92
N LYS A 151 29.44 -19.57 20.67
CA LYS A 151 29.28 -19.29 22.08
C LYS A 151 28.40 -18.07 22.31
N VAL A 152 28.31 -17.17 21.31
CA VAL A 152 27.48 -15.96 21.38
C VAL A 152 26.02 -16.37 21.27
N GLU A 153 25.32 -16.44 22.41
CA GLU A 153 23.92 -16.85 22.39
C GLU A 153 22.90 -15.72 22.54
N ASN A 154 23.39 -14.47 22.50
CA ASN A 154 22.53 -13.28 22.60
C ASN A 154 21.78 -13.11 21.30
N ASP A 155 20.48 -13.43 21.33
CA ASP A 155 19.59 -13.34 20.18
C ASP A 155 19.41 -11.92 19.69
N LYS A 156 19.21 -10.95 20.61
CA LYS A 156 19.04 -9.52 20.30
C LYS A 156 20.27 -8.98 19.58
N LEU A 157 21.47 -9.40 20.01
CA LEU A 157 22.76 -8.98 19.44
C LEU A 157 23.01 -9.63 18.09
N ILE A 158 22.85 -10.98 18.00
CA ILE A 158 23.07 -11.76 16.77
C ILE A 158 22.28 -11.16 15.60
N THR A 159 21.03 -10.75 15.87
CA THR A 159 20.11 -10.14 14.94
C THR A 159 20.56 -8.73 14.60
N ALA A 160 20.95 -7.90 15.61
CA ALA A 160 21.45 -6.54 15.44
C ALA A 160 22.63 -6.49 14.48
N ILE A 161 23.51 -7.52 14.54
CA ILE A 161 24.68 -7.72 13.69
C ILE A 161 24.22 -7.99 12.25
N GLU A 162 23.24 -8.89 12.06
CA GLU A 162 22.69 -9.20 10.74
C GLU A 162 21.88 -8.02 10.12
N LYS A 163 21.05 -7.33 10.95
CA LYS A 163 20.23 -6.16 10.58
C LYS A 163 21.19 -5.04 10.13
N ALA A 164 22.34 -4.92 10.80
CA ALA A 164 23.35 -3.95 10.45
C ALA A 164 24.05 -4.33 9.15
N LEU A 165 24.38 -5.63 8.97
CA LEU A 165 25.08 -6.13 7.79
C LEU A 165 24.26 -6.03 6.53
N GLU A 166 22.95 -6.39 6.60
CA GLU A 166 21.99 -6.37 5.49
C GLU A 166 21.85 -4.98 4.91
N ARG A 167 21.76 -3.96 5.79
CA ARG A 167 21.64 -2.56 5.42
C ARG A 167 22.89 -2.10 4.67
N LEU A 168 24.08 -2.36 5.24
CA LEU A 168 25.35 -1.94 4.67
C LEU A 168 25.76 -2.65 3.38
N SER A 169 25.27 -3.88 3.15
CA SER A 169 25.63 -4.69 1.98
C SER A 169 25.23 -4.18 0.59
N THR A 170 24.44 -3.10 0.51
CA THR A 170 24.03 -2.49 -0.76
C THR A 170 25.22 -1.79 -1.41
N ASP A 171 26.17 -1.35 -0.55
CA ASP A 171 27.41 -0.66 -0.87
C ASP A 171 28.46 -1.65 -1.38
N GLU A 172 29.21 -1.25 -2.41
CA GLU A 172 30.27 -2.05 -3.01
C GLU A 172 31.49 -2.16 -2.10
N LEU A 173 31.78 -1.09 -1.34
CA LEU A 173 32.91 -1.03 -0.41
C LEU A 173 32.73 -1.98 0.75
N ILE A 174 31.50 -2.06 1.29
CA ILE A 174 31.18 -2.94 2.40
C ILE A 174 31.30 -4.39 1.93
N ARG A 175 30.83 -4.71 0.72
CA ARG A 175 30.90 -6.06 0.14
C ARG A 175 32.32 -6.48 -0.16
N ARG A 176 33.21 -5.54 -0.53
CA ARG A 176 34.62 -5.81 -0.81
C ARG A 176 35.33 -6.28 0.47
N ARG A 177 35.03 -5.63 1.60
CA ARG A 177 35.59 -5.98 2.90
C ARG A 177 35.20 -7.40 3.30
N LEU A 178 33.96 -7.81 3.00
CA LEU A 178 33.45 -9.14 3.29
C LEU A 178 34.09 -10.20 2.40
N PHE A 179 34.03 -10.02 1.07
CA PHE A 179 34.50 -11.01 0.11
C PHE A 179 35.91 -10.82 -0.45
N ASP A 180 36.81 -10.29 0.37
CA ASP A 180 38.21 -10.11 0.01
C ASP A 180 39.06 -10.10 1.27
N ASN A 181 38.85 -9.09 2.15
CA ASN A 181 39.56 -8.91 3.41
C ASN A 181 39.19 -10.03 4.39
N ASN A 182 37.90 -10.32 4.48
CA ASN A 182 37.35 -11.32 5.37
C ASN A 182 37.11 -12.68 4.69
N LEU A 183 37.25 -12.77 3.35
CA LEU A 183 37.06 -14.01 2.58
C LEU A 183 37.81 -15.22 3.18
N PRO A 184 39.08 -15.10 3.66
CA PRO A 184 39.73 -16.27 4.28
C PRO A 184 39.03 -16.76 5.55
N TYR A 185 38.56 -15.82 6.39
CA TYR A 185 37.82 -16.15 7.61
C TYR A 185 36.53 -16.87 7.24
N LEU A 186 35.71 -16.26 6.33
CA LEU A 186 34.44 -16.82 5.84
C LEU A 186 34.60 -18.27 5.39
N VAL A 187 35.71 -18.55 4.64
CA VAL A 187 36.06 -19.88 4.13
C VAL A 187 36.32 -20.85 5.27
N SER A 188 36.98 -20.38 6.36
CA SER A 188 37.25 -21.20 7.54
C SER A 188 35.95 -21.70 8.21
N VAL A 189 34.94 -20.82 8.39
CA VAL A 189 33.65 -21.19 9.01
C VAL A 189 32.92 -22.29 8.21
N LYS A 190 33.07 -22.22 6.89
CA LYS A 190 32.47 -23.11 5.93
C LYS A 190 33.01 -24.53 6.03
N GLY A 191 34.34 -24.67 6.04
CA GLY A 191 34.99 -25.97 6.17
C GLY A 191 34.87 -26.55 7.57
N ARG A 192 34.76 -25.64 8.56
CA ARG A 192 34.60 -25.95 9.98
C ARG A 192 33.32 -26.76 10.17
N MET A 193 32.18 -26.22 9.64
CA MET A 193 30.85 -26.83 9.64
C MET A 193 30.33 -27.22 11.02
N GLU A 194 30.33 -26.25 11.93
CA GLU A 194 29.73 -26.45 13.22
C GLU A 194 28.34 -25.87 13.03
N THR A 195 27.29 -26.71 13.20
CA THR A 195 25.87 -26.37 13.05
C THR A 195 25.51 -24.87 13.23
N VAL A 196 25.58 -24.34 14.47
CA VAL A 196 25.28 -22.94 14.82
C VAL A 196 26.11 -21.96 13.97
N SER A 197 27.43 -22.14 13.88
CA SER A 197 28.28 -21.24 13.08
C SER A 197 27.94 -21.30 11.59
N PHE A 198 27.87 -22.54 11.06
CA PHE A 198 27.59 -22.86 9.67
C PHE A 198 26.23 -22.35 9.19
N VAL A 199 25.14 -22.61 9.95
CA VAL A 199 23.78 -22.18 9.61
C VAL A 199 23.73 -20.66 9.55
N ARG A 200 24.48 -19.98 10.46
CA ARG A 200 24.58 -18.52 10.47
C ARG A 200 25.20 -18.03 9.15
N LEU A 201 26.24 -18.79 8.67
CA LEU A 201 26.92 -18.54 7.42
C LEU A 201 25.96 -18.72 6.22
N ILE A 202 25.14 -19.80 6.21
CA ILE A 202 24.12 -20.05 5.18
C ILE A 202 23.26 -18.79 5.05
N ASP A 203 22.65 -18.37 6.20
CA ASP A 203 21.75 -17.22 6.29
C ASP A 203 22.42 -15.88 5.97
N PHE A 204 23.71 -15.73 6.33
CA PHE A 204 24.51 -14.57 5.97
C PHE A 204 24.68 -14.55 4.43
N LEU A 205 25.02 -15.72 3.84
CA LEU A 205 25.24 -15.91 2.40
C LEU A 205 24.01 -15.73 1.56
N THR A 206 22.82 -16.20 2.03
CA THR A 206 21.58 -16.03 1.26
C THR A 206 21.20 -14.57 1.12
N ILE A 207 21.65 -13.73 2.09
CA ILE A 207 21.45 -12.28 2.10
C ILE A 207 22.46 -11.66 1.17
N GLU A 208 23.72 -12.07 1.27
CA GLU A 208 24.77 -11.53 0.44
C GLU A 208 24.61 -11.77 -1.05
N PHE A 209 24.00 -12.91 -1.46
CA PHE A 209 23.79 -13.20 -2.88
C PHE A 209 22.80 -12.26 -3.59
N GLN A 210 21.99 -11.52 -2.80
CA GLN A 210 21.02 -10.55 -3.32
C GLN A 210 21.72 -9.37 -4.00
N PHE A 211 22.85 -8.93 -3.39
CA PHE A 211 23.66 -7.78 -3.80
C PHE A 211 24.96 -8.11 -4.51
N ILE A 212 25.39 -9.36 -4.48
CA ILE A 212 26.64 -9.79 -5.09
C ILE A 212 26.58 -9.71 -6.61
N SER A 213 27.66 -9.19 -7.23
CA SER A 213 27.78 -9.01 -8.67
C SER A 213 28.70 -10.05 -9.27
N GLY A 214 28.48 -10.37 -10.55
CA GLY A 214 29.27 -11.29 -11.36
C GLY A 214 30.74 -11.37 -11.01
N PRO A 215 31.50 -10.24 -11.04
CA PRO A 215 32.92 -10.32 -10.67
C PRO A 215 33.11 -10.55 -9.16
N GLU A 216 32.46 -9.70 -8.32
CA GLU A 216 32.49 -9.76 -6.84
C GLU A 216 32.33 -11.16 -6.31
N PHE A 217 31.57 -12.00 -7.02
CA PHE A 217 31.26 -13.37 -6.65
C PHE A 217 32.48 -14.21 -6.58
N LYS A 218 32.63 -14.86 -5.43
CA LYS A 218 33.70 -15.78 -5.14
C LYS A 218 33.09 -17.15 -4.89
N ASP A 219 33.32 -18.00 -5.87
CA ASP A 219 32.88 -19.39 -5.98
C ASP A 219 33.11 -20.18 -4.68
N ILE A 220 34.31 -20.04 -4.10
CA ILE A 220 34.80 -20.67 -2.88
C ILE A 220 33.86 -20.59 -1.68
N ILE A 221 33.28 -19.42 -1.44
CA ILE A 221 32.39 -19.16 -0.31
C ILE A 221 30.90 -19.52 -0.54
N PHE A 222 30.32 -19.11 -1.70
CA PHE A 222 28.91 -19.36 -2.01
C PHE A 222 28.57 -20.77 -2.45
N CYS A 223 29.56 -21.57 -2.85
CA CYS A 223 29.30 -22.93 -3.32
C CYS A 223 29.70 -24.05 -2.41
N PHE A 224 28.86 -25.08 -2.39
CA PHE A 224 29.03 -26.27 -1.56
C PHE A 224 29.31 -27.50 -2.38
N THR A 225 30.39 -28.25 -2.02
CA THR A 225 30.89 -29.44 -2.69
C THR A 225 29.99 -30.62 -2.41
N LYS A 226 30.06 -31.67 -3.24
CA LYS A 226 29.29 -32.89 -3.02
C LYS A 226 29.60 -33.45 -1.63
N GLU A 227 30.91 -33.53 -1.27
CA GLU A 227 31.37 -34.04 0.04
C GLU A 227 30.92 -33.20 1.23
N GLU A 228 30.51 -31.93 0.99
CA GLU A 228 29.99 -31.02 2.01
C GLU A 228 28.56 -31.38 2.28
N ILE A 229 27.75 -31.54 1.21
CA ILE A 229 26.32 -31.87 1.26
C ILE A 229 26.12 -33.20 1.99
N LEU A 230 26.95 -34.21 1.67
CA LEU A 230 26.85 -35.52 2.33
C LEU A 230 27.23 -35.52 3.78
N LYS A 231 28.13 -34.60 4.16
CA LYS A 231 28.58 -34.44 5.53
C LYS A 231 27.46 -33.79 6.36
N SER A 232 26.63 -32.95 5.72
CA SER A 232 25.53 -32.27 6.40
C SER A 232 24.42 -33.23 6.80
N VAL A 233 24.20 -34.28 6.01
CA VAL A 233 23.14 -35.27 6.23
C VAL A 233 23.11 -35.87 7.65
N GLU A 234 24.27 -35.88 8.37
CA GLU A 234 24.37 -36.38 9.74
C GLU A 234 23.47 -35.58 10.67
N ASP A 235 23.75 -34.27 10.78
CA ASP A 235 22.91 -33.34 11.54
C ASP A 235 21.89 -32.84 10.51
N ILE A 236 20.78 -33.59 10.34
CA ILE A 236 19.78 -33.29 9.30
C ILE A 236 19.38 -31.82 9.19
N LEU A 237 19.29 -31.08 10.32
CA LEU A 237 18.99 -29.64 10.35
C LEU A 237 19.85 -28.83 9.36
N VAL A 238 21.13 -29.20 9.19
CA VAL A 238 22.06 -28.55 8.26
C VAL A 238 21.68 -28.85 6.82
N PHE A 239 21.45 -30.14 6.47
CA PHE A 239 21.06 -30.52 5.12
C PHE A 239 19.83 -29.75 4.65
N ILE A 240 18.84 -29.61 5.54
CA ILE A 240 17.59 -28.89 5.33
C ILE A 240 17.89 -27.44 4.98
N GLU A 241 18.72 -26.79 5.81
CA GLU A 241 19.13 -25.40 5.59
C GLU A 241 19.87 -25.27 4.23
N LEU A 242 20.70 -26.26 3.87
CA LEU A 242 21.45 -26.30 2.62
C LEU A 242 20.53 -26.45 1.41
N VAL A 243 19.53 -27.39 1.49
CA VAL A 243 18.49 -27.63 0.46
C VAL A 243 17.86 -26.28 0.21
N ASN A 244 17.40 -25.66 1.31
CA ASN A 244 16.78 -24.34 1.34
C ASN A 244 17.62 -23.26 0.71
N TYR A 245 18.92 -23.15 1.12
CA TYR A 245 19.86 -22.17 0.57
C TYR A 245 19.82 -22.19 -0.97
N TYR A 246 19.87 -23.42 -1.55
CA TYR A 246 19.85 -23.69 -2.98
C TYR A 246 18.53 -23.43 -3.65
N THR A 247 17.40 -23.85 -3.03
CA THR A 247 16.04 -23.60 -3.59
C THR A 247 15.92 -22.08 -3.75
N LYS A 248 16.34 -21.31 -2.69
CA LYS A 248 16.36 -19.85 -2.57
C LYS A 248 17.30 -19.24 -3.62
N PHE A 249 18.51 -19.82 -3.78
CA PHE A 249 19.57 -19.41 -4.72
C PHE A 249 19.08 -19.53 -6.16
N LEU A 250 18.55 -20.71 -6.56
CA LEU A 250 18.02 -21.02 -7.90
C LEU A 250 16.77 -20.20 -8.25
N LEU A 251 16.25 -19.47 -7.26
CA LEU A 251 15.09 -18.62 -7.37
C LEU A 251 15.54 -17.18 -7.57
N GLU A 252 16.55 -16.71 -6.82
CA GLU A 252 17.05 -15.37 -7.04
C GLU A 252 18.01 -15.38 -8.22
N ILE A 253 17.87 -16.39 -9.06
CA ILE A 253 18.58 -16.52 -10.31
C ILE A 253 17.61 -16.06 -11.40
N ARG A 254 16.34 -16.50 -11.34
CA ARG A 254 15.30 -16.17 -12.30
C ARG A 254 14.68 -14.82 -11.94
N ASN A 255 14.69 -14.46 -10.66
CA ASN A 255 14.09 -13.23 -10.14
C ASN A 255 15.00 -12.03 -10.09
N GLN A 256 16.06 -12.08 -10.87
CA GLN A 256 17.02 -11.00 -10.99
C GLN A 256 17.77 -11.12 -12.31
N ASP A 257 17.39 -12.14 -13.11
CA ASP A 257 18.01 -12.47 -14.40
C ASP A 257 19.54 -12.56 -14.30
N LYS A 258 19.98 -13.22 -13.22
CA LYS A 258 21.37 -13.48 -12.87
C LYS A 258 21.74 -14.84 -13.44
N TYR A 259 21.60 -15.04 -14.77
CA TYR A 259 21.89 -16.34 -15.40
C TYR A 259 23.35 -16.70 -15.40
N TRP A 260 24.21 -15.76 -14.98
CA TRP A 260 25.64 -15.96 -14.88
C TRP A 260 25.95 -16.97 -13.81
N ALA A 261 25.30 -16.86 -12.66
CA ALA A 261 25.51 -17.74 -11.52
C ALA A 261 25.05 -19.17 -11.75
N LEU A 262 24.27 -19.42 -12.81
CA LEU A 262 23.76 -20.75 -13.08
C LEU A 262 24.81 -21.84 -13.31
N ARG A 263 26.02 -21.47 -13.76
CA ARG A 263 27.08 -22.45 -13.97
C ARG A 263 27.59 -23.02 -12.65
N HIS A 264 27.82 -22.14 -11.66
CA HIS A 264 28.33 -22.48 -10.34
C HIS A 264 27.52 -23.55 -9.64
N VAL A 265 26.20 -23.41 -9.70
CA VAL A 265 25.25 -24.26 -9.02
C VAL A 265 24.94 -25.61 -9.71
N LYS A 266 24.59 -25.56 -11.03
CA LYS A 266 24.25 -26.68 -11.91
C LYS A 266 24.93 -27.99 -11.54
N LYS A 267 26.19 -27.89 -11.16
CA LYS A 267 27.06 -29.00 -10.82
C LYS A 267 26.52 -29.88 -9.68
N ILE A 268 26.36 -29.34 -8.44
CA ILE A 268 25.91 -30.12 -7.26
C ILE A 268 24.46 -30.48 -7.18
N LEU A 269 23.63 -29.85 -8.02
CA LEU A 269 22.20 -30.11 -7.97
C LEU A 269 21.81 -31.59 -8.04
N PRO A 270 22.37 -32.41 -8.97
CA PRO A 270 21.98 -33.84 -8.99
C PRO A 270 22.25 -34.60 -7.72
N VAL A 271 23.19 -34.10 -6.88
CA VAL A 271 23.55 -34.67 -5.59
C VAL A 271 22.31 -34.75 -4.73
N PHE A 272 21.57 -33.64 -4.63
CA PHE A 272 20.32 -33.57 -3.86
C PHE A 272 19.32 -34.58 -4.35
N ALA A 273 19.12 -34.65 -5.69
CA ALA A 273 18.22 -35.60 -6.34
C ALA A 273 18.68 -37.04 -6.04
N GLN A 274 20.02 -37.34 -6.10
CA GLN A 274 20.57 -38.68 -5.78
C GLN A 274 20.14 -39.07 -4.37
N LEU A 275 20.46 -38.18 -3.41
CA LEU A 275 20.21 -38.29 -1.97
C LEU A 275 18.75 -38.52 -1.65
N PHE A 276 17.87 -37.93 -2.48
CA PHE A 276 16.43 -38.02 -2.35
C PHE A 276 15.97 -39.44 -2.64
N GLU A 277 16.41 -40.01 -3.81
CA GLU A 277 16.11 -41.38 -4.32
C GLU A 277 16.63 -42.48 -3.40
N ASP A 278 17.88 -42.33 -2.91
CA ASP A 278 18.48 -43.27 -1.98
C ASP A 278 17.70 -43.19 -0.67
N THR A 279 17.18 -44.33 -0.22
CA THR A 279 16.41 -44.38 1.01
C THR A 279 17.04 -45.40 1.89
N GLU A 280 17.58 -46.45 1.26
CA GLU A 280 18.30 -47.51 1.93
C GLU A 280 19.43 -46.91 2.71
N ASN A 281 20.10 -45.89 2.15
CA ASN A 281 21.23 -45.25 2.81
C ASN A 281 20.92 -43.95 3.53
N TYR A 282 19.95 -43.16 3.08
CA TYR A 282 19.68 -41.88 3.77
C TYR A 282 18.20 -41.77 4.18
N PRO A 283 17.84 -42.43 5.28
CA PRO A 283 16.43 -42.40 5.70
C PRO A 283 16.01 -41.04 6.20
N ASP A 284 16.94 -40.35 6.88
CA ASP A 284 16.78 -39.01 7.44
C ASP A 284 16.42 -37.98 6.36
N VAL A 285 17.03 -38.10 5.14
CA VAL A 285 16.81 -37.23 3.97
C VAL A 285 15.35 -37.22 3.57
N ARG A 286 14.81 -38.42 3.27
CA ARG A 286 13.43 -38.52 2.86
C ARG A 286 12.46 -38.28 4.02
N ALA A 287 12.92 -38.42 5.26
CA ALA A 287 12.03 -38.20 6.39
C ALA A 287 11.89 -36.73 6.69
N PHE A 288 12.94 -36.13 7.21
CA PHE A 288 13.00 -34.74 7.65
C PHE A 288 13.06 -33.67 6.55
N SER A 289 13.21 -34.05 5.27
CA SER A 289 13.34 -33.03 4.21
C SER A 289 12.59 -33.22 2.86
N THR A 290 11.63 -34.18 2.78
CA THR A 290 10.86 -34.50 1.55
C THR A 290 10.34 -33.26 0.82
N ASN A 291 9.57 -32.43 1.56
CA ASN A 291 8.93 -31.23 1.03
C ASN A 291 9.86 -30.20 0.50
N CYS A 292 10.82 -29.71 1.30
CA CYS A 292 11.73 -28.66 0.85
C CYS A 292 12.60 -29.10 -0.30
N LEU A 293 12.82 -30.45 -0.43
CA LEU A 293 13.57 -31.05 -1.54
C LEU A 293 12.72 -30.95 -2.80
N LEU A 294 11.43 -31.34 -2.73
CA LEU A 294 10.47 -31.25 -3.82
C LEU A 294 10.43 -29.82 -4.35
N GLN A 295 10.47 -28.84 -3.42
CA GLN A 295 10.50 -27.39 -3.71
C GLN A 295 11.71 -27.01 -4.57
N LEU A 296 12.92 -27.52 -4.19
CA LEU A 296 14.20 -27.31 -4.86
C LEU A 296 14.16 -27.93 -6.26
N PHE A 297 13.55 -29.13 -6.41
CA PHE A 297 13.38 -29.80 -7.70
C PHE A 297 12.49 -28.95 -8.60
N ALA A 298 11.37 -28.38 -8.03
CA ALA A 298 10.47 -27.49 -8.76
C ALA A 298 11.31 -26.34 -9.39
N GLU A 299 12.28 -25.77 -8.63
CA GLU A 299 13.16 -24.70 -9.14
C GLU A 299 14.12 -25.10 -10.21
N VAL A 300 14.60 -26.37 -10.18
CA VAL A 300 15.54 -26.94 -11.18
C VAL A 300 14.81 -27.09 -12.55
N SER A 301 13.51 -27.40 -12.50
CA SER A 301 12.67 -27.52 -13.69
C SER A 301 12.07 -26.12 -13.95
N ARG A 302 12.94 -25.11 -14.01
CA ARG A 302 12.56 -23.71 -14.22
C ARG A 302 13.73 -22.93 -14.76
N ILE A 303 14.94 -23.40 -14.44
CA ILE A 303 16.16 -22.72 -14.82
C ILE A 303 16.46 -22.74 -16.31
N GLU A 304 16.89 -21.57 -16.83
CA GLU A 304 17.19 -21.35 -18.24
C GLU A 304 18.34 -22.20 -18.74
N GLU A 305 18.01 -23.33 -19.37
CA GLU A 305 19.00 -24.28 -19.89
C GLU A 305 18.55 -25.00 -21.14
N ASP A 306 19.55 -25.46 -21.92
CA ASP A 306 19.43 -26.19 -23.18
C ASP A 306 18.42 -27.33 -23.10
N GLU A 307 17.16 -27.02 -23.42
CA GLU A 307 16.05 -27.97 -23.41
C GLU A 307 16.04 -28.86 -22.18
N TYR A 308 16.04 -28.26 -20.99
CA TYR A 308 15.99 -28.93 -19.69
C TYR A 308 17.01 -30.06 -19.50
N SER A 309 18.24 -29.87 -20.01
CA SER A 309 19.34 -30.84 -19.95
C SER A 309 19.57 -31.41 -18.55
N LEU A 310 19.96 -30.54 -17.60
CA LEU A 310 20.23 -30.88 -16.19
C LEU A 310 19.02 -31.54 -15.54
N PHE A 311 17.85 -30.93 -15.67
CA PHE A 311 16.69 -31.50 -15.03
C PHE A 311 16.32 -32.88 -15.56
N LYS A 312 16.34 -33.10 -16.90
CA LYS A 312 16.00 -34.44 -17.40
C LYS A 312 16.98 -35.53 -17.02
N THR A 313 18.26 -35.18 -16.86
CA THR A 313 19.27 -36.12 -16.39
C THR A 313 18.94 -36.44 -14.93
N MET A 314 18.61 -35.39 -14.13
CA MET A 314 18.19 -35.50 -12.72
C MET A 314 16.95 -36.36 -12.58
N ASP A 315 16.05 -36.28 -13.56
CA ASP A 315 14.82 -37.05 -13.58
C ASP A 315 15.13 -38.51 -13.93
N LYS A 316 15.89 -38.75 -15.01
CA LYS A 316 16.22 -40.12 -15.46
C LYS A 316 17.01 -40.91 -14.42
N ASP A 317 18.05 -40.29 -13.85
CA ASP A 317 18.96 -40.93 -12.91
C ASP A 317 18.47 -41.08 -11.48
N SER A 318 17.75 -40.07 -10.95
CA SER A 318 17.33 -40.04 -9.55
C SER A 318 15.84 -39.78 -9.21
N LEU A 319 15.23 -38.74 -9.82
CA LEU A 319 13.85 -38.39 -9.53
C LEU A 319 12.86 -39.44 -10.01
N LYS A 320 12.92 -39.83 -11.32
CA LYS A 320 12.07 -40.85 -11.94
C LYS A 320 10.60 -40.46 -11.73
N ILE A 321 10.17 -39.41 -12.45
CA ILE A 321 8.82 -38.87 -12.37
C ILE A 321 7.88 -39.90 -12.94
N GLY A 322 6.92 -40.29 -12.14
CA GLY A 322 5.91 -41.26 -12.56
C GLY A 322 6.12 -42.69 -12.11
N SER A 323 7.37 -43.10 -11.93
CA SER A 323 7.69 -44.44 -11.45
C SER A 323 7.24 -44.49 -9.99
N GLU A 324 7.48 -43.36 -9.31
CA GLU A 324 7.15 -43.14 -7.91
C GLU A 324 5.64 -42.95 -7.82
N ALA A 325 4.95 -44.04 -7.44
CA ALA A 325 3.50 -44.12 -7.31
C ALA A 325 2.92 -43.02 -6.48
N LYS A 326 3.20 -42.99 -5.18
CA LYS A 326 2.69 -42.01 -4.24
C LYS A 326 3.02 -40.57 -4.57
N LEU A 327 4.14 -40.34 -5.24
CA LEU A 327 4.61 -38.99 -5.56
C LEU A 327 4.00 -38.32 -6.79
N ILE A 328 3.34 -39.10 -7.70
CA ILE A 328 2.75 -38.60 -8.97
C ILE A 328 2.00 -37.28 -8.83
N THR A 329 1.13 -37.16 -7.80
CA THR A 329 0.37 -35.96 -7.57
C THR A 329 1.27 -34.78 -7.26
N GLU A 330 2.30 -35.00 -6.44
CA GLU A 330 3.26 -33.96 -6.05
C GLU A 330 4.05 -33.48 -7.25
N TRP A 331 4.55 -34.42 -8.08
CA TRP A 331 5.30 -34.08 -9.28
C TRP A 331 4.46 -33.17 -10.19
N LEU A 332 3.17 -33.57 -10.40
CA LEU A 332 2.17 -32.89 -11.23
C LEU A 332 1.72 -31.55 -10.64
N GLU A 333 1.94 -31.34 -9.33
CA GLU A 333 1.58 -30.11 -8.64
C GLU A 333 2.74 -29.10 -8.63
N LEU A 334 4.02 -29.58 -8.75
CA LEU A 334 5.22 -28.73 -8.64
C LEU A 334 6.10 -28.50 -9.87
N ILE A 335 6.51 -29.57 -10.56
CA ILE A 335 7.45 -29.55 -11.70
C ILE A 335 6.92 -28.75 -12.87
N ASN A 336 7.79 -27.95 -13.54
CA ASN A 336 7.49 -27.09 -14.69
C ASN A 336 6.48 -27.76 -15.61
N PRO A 337 5.22 -27.25 -15.76
CA PRO A 337 4.26 -27.92 -16.65
C PRO A 337 4.72 -27.99 -18.11
N GLN A 338 5.67 -27.10 -18.53
CA GLN A 338 6.25 -27.07 -19.88
C GLN A 338 7.05 -28.34 -20.10
N TYR A 339 7.77 -28.73 -19.03
CA TYR A 339 8.59 -29.91 -18.95
C TYR A 339 7.70 -31.14 -18.81
N LEU A 340 6.74 -31.09 -17.88
CA LEU A 340 5.80 -32.17 -17.64
C LEU A 340 5.12 -32.62 -18.91
N VAL A 341 4.66 -31.67 -19.75
CA VAL A 341 4.00 -31.99 -21.01
C VAL A 341 4.95 -32.60 -22.03
N LYS A 342 6.17 -32.06 -22.14
CA LYS A 342 7.16 -32.52 -23.08
C LYS A 342 7.58 -33.95 -22.83
N TYR A 343 8.01 -34.24 -21.61
CA TYR A 343 8.54 -35.54 -21.24
C TYR A 343 7.61 -36.51 -20.56
N HIS A 344 6.50 -36.00 -20.02
CA HIS A 344 5.57 -36.85 -19.29
C HIS A 344 4.12 -36.69 -19.70
N LYS A 345 3.85 -36.51 -21.01
CA LYS A 345 2.48 -36.40 -21.50
C LYS A 345 1.68 -37.60 -20.95
N ASP A 346 2.30 -38.80 -20.86
CA ASP A 346 1.76 -40.05 -20.31
C ASP A 346 1.29 -39.83 -18.89
N VAL A 347 2.20 -39.38 -18.02
CA VAL A 347 1.97 -39.08 -16.61
C VAL A 347 0.88 -38.01 -16.42
N VAL A 348 0.88 -36.97 -17.29
CA VAL A 348 -0.09 -35.87 -17.29
C VAL A 348 -1.45 -36.36 -17.80
N GLU A 349 -1.47 -37.13 -18.89
CA GLU A 349 -2.69 -37.63 -19.45
C GLU A 349 -3.31 -38.75 -18.63
N ASN A 350 -2.53 -39.69 -18.14
CA ASN A 350 -3.10 -40.82 -17.39
C ASN A 350 -3.48 -40.57 -15.96
N TYR A 351 -2.75 -39.70 -15.28
CA TYR A 351 -2.98 -39.47 -13.84
C TYR A 351 -3.77 -38.24 -13.39
N PHE A 352 -3.94 -37.24 -14.28
CA PHE A 352 -4.76 -36.09 -13.98
C PHE A 352 -6.20 -36.40 -14.42
N HIS A 353 -7.14 -36.04 -13.60
CA HIS A 353 -8.58 -36.17 -13.83
C HIS A 353 -9.22 -34.95 -13.22
N VAL A 354 -10.51 -34.68 -13.50
CA VAL A 354 -11.09 -33.50 -12.88
C VAL A 354 -11.91 -33.77 -11.62
N SER A 355 -11.23 -33.71 -10.47
CA SER A 355 -11.82 -33.97 -9.15
C SER A 355 -11.61 -32.77 -8.22
N GLY A 356 -12.12 -32.91 -6.99
CA GLY A 356 -11.94 -31.92 -5.94
C GLY A 356 -10.48 -31.94 -5.52
N TYR A 357 -9.93 -33.16 -5.50
CA TYR A 357 -8.55 -33.52 -5.20
C TYR A 357 -7.57 -32.89 -6.20
N SER A 358 -7.87 -33.09 -7.52
CA SER A 358 -7.07 -32.62 -8.67
C SER A 358 -6.54 -31.17 -8.58
N ILE A 359 -7.44 -30.19 -8.20
CA ILE A 359 -7.23 -28.74 -8.07
C ILE A 359 -5.77 -28.29 -8.00
N GLY A 360 -4.98 -28.93 -7.14
CA GLY A 360 -3.54 -28.66 -6.99
C GLY A 360 -2.77 -28.76 -8.29
N MET A 361 -2.90 -29.92 -8.91
CA MET A 361 -2.32 -30.19 -10.23
C MET A 361 -2.99 -29.29 -11.25
N LEU A 362 -4.36 -29.22 -11.26
CA LEU A 362 -5.07 -28.37 -12.22
C LEU A 362 -4.44 -26.98 -12.31
N ARG A 363 -4.24 -26.29 -11.17
CA ARG A 363 -3.62 -24.96 -11.17
C ARG A 363 -2.19 -24.90 -11.71
N ASN A 364 -1.39 -25.98 -11.53
CA ASN A 364 -0.02 -26.04 -12.07
C ASN A 364 -0.02 -26.46 -13.56
N LEU A 365 -0.77 -27.49 -13.94
CA LEU A 365 -0.83 -27.94 -15.34
C LEU A 365 -1.43 -26.87 -16.29
N SER A 366 -2.27 -25.97 -15.74
CA SER A 366 -2.89 -24.89 -16.50
C SER A 366 -1.91 -23.82 -16.91
N ALA A 367 -0.79 -23.67 -16.17
CA ALA A 367 0.22 -22.64 -16.42
C ALA A 367 0.85 -22.61 -17.81
N ASP A 368 1.04 -23.78 -18.48
CA ASP A 368 1.57 -23.78 -19.84
C ASP A 368 0.46 -24.17 -20.80
N GLU A 369 0.28 -23.37 -21.87
CA GLU A 369 -0.76 -23.62 -22.87
C GLU A 369 -0.71 -25.04 -23.40
N GLU A 370 0.46 -25.48 -23.88
CA GLU A 370 0.70 -26.81 -24.43
C GLU A 370 0.26 -27.91 -23.46
N CYS A 371 0.59 -27.73 -22.16
CA CYS A 371 0.25 -28.64 -21.07
C CYS A 371 -1.24 -28.69 -20.84
N PHE A 372 -1.90 -27.51 -20.76
CA PHE A 372 -3.34 -27.44 -20.57
C PHE A 372 -4.10 -28.15 -21.73
N ASN A 373 -3.55 -28.12 -22.97
CA ASN A 373 -4.13 -28.79 -24.12
C ASN A 373 -4.18 -30.30 -23.89
N ALA A 374 -3.15 -30.85 -23.25
CA ALA A 374 -3.05 -32.27 -22.91
C ALA A 374 -4.04 -32.72 -21.83
N ILE A 375 -4.57 -31.76 -21.03
CA ILE A 375 -5.57 -32.00 -19.97
C ILE A 375 -6.95 -31.37 -20.24
N ARG A 376 -7.15 -30.79 -21.44
CA ARG A 376 -8.41 -30.21 -21.89
C ARG A 376 -9.43 -31.34 -22.11
N ASN A 377 -8.98 -32.52 -22.57
CA ASN A 377 -9.84 -33.68 -22.80
C ASN A 377 -10.54 -34.20 -21.55
N LYS A 378 -9.94 -34.01 -20.36
CA LYS A 378 -10.46 -34.44 -19.06
C LYS A 378 -11.58 -33.51 -18.58
N PHE A 379 -11.94 -32.51 -19.41
CA PHE A 379 -12.94 -31.48 -19.08
C PHE A 379 -14.30 -31.61 -19.71
N SER A 380 -15.21 -32.31 -19.03
CA SER A 380 -16.58 -32.41 -19.48
C SER A 380 -17.27 -31.28 -18.75
N ALA A 381 -18.39 -30.79 -19.28
CA ALA A 381 -19.12 -29.76 -18.54
C ALA A 381 -19.81 -30.48 -17.37
N GLU A 382 -20.09 -31.77 -17.56
CA GLU A 382 -20.70 -32.62 -16.56
C GLU A 382 -19.78 -32.95 -15.43
N ILE A 383 -18.55 -33.42 -15.72
CA ILE A 383 -17.54 -33.82 -14.74
C ILE A 383 -17.24 -32.74 -13.71
N VAL A 384 -17.47 -31.47 -14.10
CA VAL A 384 -17.25 -30.26 -13.34
C VAL A 384 -18.45 -29.92 -12.49
N LEU A 385 -19.67 -30.12 -13.00
CA LEU A 385 -20.88 -29.82 -12.22
C LEU A 385 -21.17 -30.89 -11.16
N ARG A 386 -20.46 -32.05 -11.23
CA ARG A 386 -20.54 -33.17 -10.28
C ARG A 386 -20.08 -32.66 -8.93
N LEU A 387 -18.98 -31.88 -8.92
CA LEU A 387 -18.32 -31.31 -7.76
C LEU A 387 -19.22 -30.39 -6.95
N PRO A 388 -18.94 -30.21 -5.64
CA PRO A 388 -19.70 -29.22 -4.87
C PRO A 388 -19.28 -27.84 -5.38
N TYR A 389 -20.07 -26.79 -5.06
CA TYR A 389 -19.79 -25.45 -5.56
C TYR A 389 -18.42 -24.90 -5.24
N LEU A 390 -17.94 -25.12 -3.99
CA LEU A 390 -16.64 -24.63 -3.57
C LEU A 390 -15.58 -25.17 -4.49
N GLU A 391 -15.66 -26.46 -4.85
CA GLU A 391 -14.70 -27.07 -5.76
C GLU A 391 -14.78 -26.50 -7.14
N GLN A 392 -16.01 -26.30 -7.62
CA GLN A 392 -16.33 -25.76 -8.93
C GLN A 392 -15.72 -24.37 -9.06
N MET A 393 -15.97 -23.51 -8.05
CA MET A 393 -15.46 -22.15 -8.02
C MET A 393 -13.96 -22.05 -8.03
N GLN A 394 -13.25 -23.05 -7.45
CA GLN A 394 -11.79 -23.16 -7.45
C GLN A 394 -11.34 -23.52 -8.86
N VAL A 395 -12.04 -24.50 -9.50
CA VAL A 395 -11.83 -24.99 -10.87
C VAL A 395 -12.04 -23.83 -11.85
N VAL A 396 -13.21 -23.17 -11.79
CA VAL A 396 -13.56 -22.03 -12.64
C VAL A 396 -12.52 -20.94 -12.49
N GLU A 397 -12.22 -20.54 -11.23
CA GLU A 397 -11.24 -19.51 -10.92
C GLU A 397 -9.89 -19.89 -11.49
N THR A 398 -9.50 -21.16 -11.42
CA THR A 398 -8.24 -21.61 -12.01
C THR A 398 -8.22 -21.35 -13.51
N LEU A 399 -9.34 -21.72 -14.20
CA LEU A 399 -9.50 -21.53 -15.64
C LEU A 399 -9.58 -20.05 -16.02
N THR A 400 -10.08 -19.20 -15.11
CA THR A 400 -10.20 -17.76 -15.33
C THR A 400 -8.84 -17.00 -15.31
N ARG A 401 -7.75 -17.70 -15.02
CA ARG A 401 -6.42 -17.12 -14.89
C ARG A 401 -5.65 -16.85 -16.18
N TYR A 402 -5.74 -17.75 -17.17
CA TYR A 402 -4.97 -17.60 -18.39
C TYR A 402 -5.84 -17.32 -19.60
N GLU A 403 -5.24 -16.85 -20.70
CA GLU A 403 -5.98 -16.53 -21.90
C GLU A 403 -6.70 -17.77 -22.41
N TYR A 404 -5.93 -18.80 -22.76
CA TYR A 404 -6.41 -20.07 -23.27
C TYR A 404 -7.40 -20.80 -22.39
N THR A 405 -7.26 -20.72 -21.06
CA THR A 405 -8.19 -21.37 -20.14
C THR A 405 -9.51 -20.61 -20.04
N SER A 406 -9.47 -19.25 -20.00
CA SER A 406 -10.68 -18.43 -19.92
C SER A 406 -11.45 -18.65 -21.20
N LYS A 407 -10.76 -18.60 -22.35
CA LYS A 407 -11.31 -18.81 -23.69
C LYS A 407 -12.01 -20.14 -23.80
N PHE A 408 -11.45 -21.18 -23.17
CA PHE A 408 -12.03 -22.51 -23.16
C PHE A 408 -13.27 -22.58 -22.26
N LEU A 409 -13.17 -22.08 -20.99
CA LEU A 409 -14.27 -22.10 -20.04
C LEU A 409 -15.47 -21.38 -20.62
N LEU A 410 -15.24 -20.25 -21.32
CA LEU A 410 -16.29 -19.42 -21.92
C LEU A 410 -17.00 -20.11 -23.08
N ASN A 411 -16.22 -20.65 -24.03
CA ASN A 411 -16.73 -21.26 -25.26
C ASN A 411 -17.12 -22.71 -25.16
N GLU A 412 -16.30 -23.54 -24.50
CA GLU A 412 -16.54 -24.97 -24.47
C GLU A 412 -17.37 -25.57 -23.37
N MET A 413 -17.37 -24.99 -22.16
CA MET A 413 -18.19 -25.53 -21.06
C MET A 413 -19.16 -24.45 -20.63
N PRO A 414 -20.24 -24.21 -21.39
CA PRO A 414 -21.13 -23.10 -21.06
C PRO A 414 -22.06 -23.43 -19.92
N LYS A 415 -22.23 -24.75 -19.65
CA LYS A 415 -23.02 -25.29 -18.54
C LYS A 415 -22.36 -24.84 -17.22
N VAL A 416 -21.01 -24.92 -17.20
CA VAL A 416 -20.12 -24.51 -16.12
C VAL A 416 -20.17 -22.97 -15.95
N MET A 417 -20.26 -22.23 -17.09
CA MET A 417 -20.39 -20.76 -17.15
C MET A 417 -21.69 -20.37 -16.46
N GLY A 418 -22.73 -21.14 -16.75
CA GLY A 418 -24.04 -21.01 -16.16
C GLY A 418 -23.96 -21.21 -14.67
N SER A 419 -23.26 -22.28 -14.23
CA SER A 419 -23.09 -22.55 -12.79
C SER A 419 -22.42 -21.41 -12.06
N LEU A 420 -21.38 -20.79 -12.68
CA LEU A 420 -20.61 -19.65 -12.13
C LEU A 420 -21.53 -18.43 -11.92
N ILE A 421 -22.41 -18.16 -12.92
CA ILE A 421 -23.34 -17.06 -12.93
C ILE A 421 -24.54 -17.34 -12.00
N GLY A 422 -24.75 -18.63 -11.69
CA GLY A 422 -25.84 -19.10 -10.83
C GLY A 422 -27.21 -18.82 -11.41
N ASP A 423 -28.14 -18.38 -10.55
CA ASP A 423 -29.51 -18.01 -10.92
C ASP A 423 -30.04 -16.97 -9.93
N ASP A 431 -20.88 -20.26 2.15
CA ASP A 431 -19.45 -20.30 2.41
C ASP A 431 -18.74 -19.04 1.91
N LEU A 432 -17.88 -18.45 2.75
CA LEU A 432 -17.15 -17.23 2.41
C LEU A 432 -15.96 -17.52 1.50
N GLU A 433 -15.36 -18.70 1.64
CA GLU A 433 -14.22 -19.12 0.81
C GLU A 433 -14.71 -19.27 -0.65
N THR A 434 -15.87 -19.92 -0.80
CA THR A 434 -16.56 -20.12 -2.06
C THR A 434 -16.75 -18.79 -2.78
N VAL A 435 -17.16 -17.75 -2.03
CA VAL A 435 -17.37 -16.43 -2.57
C VAL A 435 -16.08 -15.78 -3.03
N HIS A 436 -14.97 -15.94 -2.27
CA HIS A 436 -13.71 -15.37 -2.70
C HIS A 436 -13.38 -15.86 -4.10
N TYR A 437 -13.30 -17.19 -4.25
CA TYR A 437 -12.95 -17.87 -5.49
C TYR A 437 -13.83 -17.47 -6.66
N ARG A 438 -15.16 -17.39 -6.39
CA ARG A 438 -16.21 -17.04 -7.34
C ARG A 438 -16.03 -15.61 -7.86
N ASN A 439 -15.87 -14.64 -6.92
CA ASN A 439 -15.70 -13.21 -7.25
C ASN A 439 -14.38 -13.01 -7.99
N SER A 440 -13.31 -13.74 -7.53
CA SER A 440 -12.00 -13.77 -8.16
C SER A 440 -12.24 -14.12 -9.65
N ALA A 441 -12.90 -15.27 -9.90
CA ALA A 441 -13.28 -15.77 -11.24
C ALA A 441 -14.08 -14.73 -12.04
N LEU A 442 -15.15 -14.18 -11.41
CA LEU A 442 -16.05 -13.15 -11.96
C LEU A 442 -15.28 -11.94 -12.57
N ARG A 443 -14.32 -11.40 -11.80
CA ARG A 443 -13.53 -10.27 -12.23
C ARG A 443 -12.50 -10.65 -13.25
N ASN A 444 -11.79 -11.77 -13.04
CA ASN A 444 -10.80 -12.24 -14.02
C ASN A 444 -11.42 -12.39 -15.42
N LEU A 445 -12.73 -12.72 -15.45
CA LEU A 445 -13.52 -12.87 -16.67
C LEU A 445 -13.88 -11.51 -17.25
N LEU A 446 -14.37 -10.58 -16.41
CA LEU A 446 -14.72 -9.24 -16.89
C LEU A 446 -13.51 -8.44 -17.39
N ASP A 447 -12.27 -8.82 -17.03
CA ASP A 447 -11.06 -8.14 -17.49
C ASP A 447 -10.77 -8.41 -18.95
N LYS A 448 -11.42 -9.45 -19.51
CA LYS A 448 -11.30 -9.83 -20.90
C LYS A 448 -11.93 -8.76 -21.78
N GLY A 449 -13.18 -8.40 -21.49
CA GLY A 449 -13.91 -7.38 -22.23
C GLY A 449 -15.23 -7.82 -22.84
N GLU A 450 -16.13 -6.84 -23.16
CA GLU A 450 -17.46 -7.06 -23.74
C GLU A 450 -17.50 -7.97 -24.95
N GLU A 451 -16.52 -7.82 -25.84
CA GLU A 451 -16.33 -8.57 -27.09
C GLU A 451 -16.00 -10.01 -26.82
N LYS A 452 -14.86 -10.26 -26.14
CA LYS A 452 -14.37 -11.60 -25.84
C LYS A 452 -15.42 -12.42 -25.12
N LEU A 453 -16.12 -11.79 -24.15
CA LEU A 453 -17.16 -12.43 -23.33
C LEU A 453 -18.42 -12.72 -24.12
N SER A 454 -18.91 -11.74 -24.92
CA SER A 454 -20.13 -11.79 -25.75
C SER A 454 -21.42 -11.99 -24.93
N VAL A 455 -22.11 -13.14 -25.12
CA VAL A 455 -23.35 -13.49 -24.44
C VAL A 455 -23.19 -13.51 -22.93
N TRP A 456 -21.95 -13.74 -22.47
CA TRP A 456 -21.56 -13.80 -21.05
C TRP A 456 -21.28 -12.46 -20.36
N TYR A 457 -20.97 -11.37 -21.10
CA TYR A 457 -20.68 -10.06 -20.50
C TYR A 457 -21.81 -9.51 -19.67
N GLU A 458 -22.99 -9.38 -20.27
CA GLU A 458 -24.14 -8.80 -19.57
C GLU A 458 -24.36 -9.45 -18.18
N PRO A 459 -24.47 -10.81 -18.08
CA PRO A 459 -24.70 -11.40 -16.76
C PRO A 459 -23.47 -11.42 -15.87
N LEU A 460 -22.25 -11.56 -16.45
CA LEU A 460 -20.99 -11.55 -15.68
C LEU A 460 -20.88 -10.25 -14.84
N LEU A 461 -21.22 -9.09 -15.47
CA LEU A 461 -21.21 -7.78 -14.85
C LEU A 461 -22.29 -7.71 -13.78
N ARG A 462 -23.52 -8.13 -14.14
CA ARG A 462 -24.68 -8.17 -13.26
C ARG A 462 -24.34 -8.95 -11.99
N GLU A 463 -23.82 -10.18 -12.16
CA GLU A 463 -23.41 -11.05 -11.07
C GLU A 463 -22.13 -10.61 -10.33
N TYR A 464 -21.40 -9.64 -10.90
CA TYR A 464 -20.21 -9.07 -10.25
C TYR A 464 -20.64 -7.90 -9.37
N SER A 465 -21.49 -6.97 -9.90
CA SER A 465 -22.04 -5.84 -9.14
C SER A 465 -22.77 -6.41 -7.95
N LYS A 466 -23.58 -7.46 -8.19
CA LYS A 466 -24.33 -8.17 -7.16
C LYS A 466 -23.41 -8.57 -6.00
N ALA A 467 -22.21 -9.08 -6.32
CA ALA A 467 -21.25 -9.56 -5.33
C ALA A 467 -20.39 -8.53 -4.62
N VAL A 468 -20.00 -7.45 -5.30
CA VAL A 468 -19.13 -6.44 -4.68
C VAL A 468 -19.86 -5.27 -4.00
N ASN A 469 -20.82 -4.65 -4.72
CA ASN A 469 -21.62 -3.50 -4.27
C ASN A 469 -22.33 -3.77 -2.94
N GLY A 470 -22.99 -4.91 -2.83
CA GLY A 470 -23.73 -5.31 -1.64
C GLY A 470 -23.53 -6.76 -1.26
N SER B 5 1.78 -8.08 8.56
CA SER B 5 1.95 -6.64 8.70
C SER B 5 3.39 -6.22 8.88
N SER B 6 4.17 -7.02 9.66
CA SER B 6 5.55 -6.67 10.06
C SER B 6 6.52 -7.84 10.27
N LEU B 7 6.02 -9.01 10.73
CA LEU B 7 6.76 -10.25 10.95
C LEU B 7 7.81 -10.23 12.07
N PRO B 8 8.22 -11.39 12.62
CA PRO B 8 9.17 -11.39 13.73
C PRO B 8 10.62 -11.65 13.33
N ASP B 9 11.57 -11.04 14.09
CA ASP B 9 13.02 -11.16 13.89
C ASP B 9 13.52 -12.46 14.48
N LEU B 10 14.70 -12.91 14.03
CA LEU B 10 15.36 -14.12 14.52
C LEU B 10 15.23 -14.28 16.02
N GLU B 11 15.36 -13.17 16.78
CA GLU B 11 15.24 -13.16 18.23
C GLU B 11 13.82 -13.48 18.62
N GLY B 12 12.88 -12.67 18.13
CA GLY B 12 11.45 -12.81 18.41
C GLY B 12 10.93 -14.19 18.11
N ARG B 13 11.35 -14.75 16.95
CA ARG B 13 10.96 -16.09 16.51
C ARG B 13 11.33 -17.14 17.57
N ALA B 14 12.59 -17.12 18.08
CA ALA B 14 13.04 -18.02 19.12
C ALA B 14 12.18 -17.78 20.37
N ASN B 15 11.95 -16.49 20.74
CA ASN B 15 11.13 -16.12 21.89
C ASN B 15 9.73 -16.70 21.79
N ILE B 16 9.12 -16.69 20.58
CA ILE B 16 7.80 -17.28 20.35
C ILE B 16 7.92 -18.75 20.69
N PHE B 17 8.83 -19.46 20.00
CA PHE B 17 9.10 -20.88 20.19
C PHE B 17 9.37 -21.30 21.63
N ARG B 18 10.12 -20.48 22.40
CA ARG B 18 10.46 -20.79 23.77
C ARG B 18 9.30 -20.61 24.70
N ILE B 19 8.61 -19.44 24.62
CA ILE B 19 7.45 -19.17 25.46
C ILE B 19 6.34 -20.17 25.19
N HIS B 20 6.24 -20.60 23.94
CA HIS B 20 5.22 -21.53 23.48
C HIS B 20 5.40 -22.96 23.90
N SER B 21 6.64 -23.43 24.02
CA SER B 21 6.95 -24.81 24.41
C SER B 21 6.84 -25.04 25.92
N LYS B 22 6.65 -23.97 26.71
CA LYS B 22 6.48 -24.06 28.16
C LYS B 22 5.25 -24.94 28.46
N SER B 23 4.13 -24.65 27.78
CA SER B 23 2.85 -25.34 27.88
C SER B 23 2.83 -26.66 27.09
N MET B 24 4.01 -27.12 26.69
CA MET B 24 4.18 -28.33 25.91
C MET B 24 5.15 -29.25 26.59
N SER B 25 4.97 -30.54 26.37
CA SER B 25 5.89 -31.56 26.84
C SER B 25 6.94 -31.59 25.74
N VAL B 26 8.17 -31.19 26.06
CA VAL B 26 9.25 -31.08 25.08
C VAL B 26 10.60 -31.51 25.68
N GLU B 27 11.45 -32.16 24.89
CA GLU B 27 12.77 -32.58 25.34
C GLU B 27 13.69 -31.38 25.58
N ARG B 28 14.66 -31.57 26.48
CA ARG B 28 15.62 -30.57 26.95
C ARG B 28 16.15 -29.50 25.99
N GLY B 29 17.30 -29.77 25.38
CA GLY B 29 18.00 -28.81 24.55
C GLY B 29 17.62 -28.73 23.09
N ILE B 30 16.44 -28.18 22.80
CA ILE B 30 16.05 -28.01 21.41
C ILE B 30 16.64 -26.68 20.98
N ARG B 31 17.50 -26.71 19.96
CA ARG B 31 18.21 -25.53 19.45
C ARG B 31 17.28 -24.51 18.79
N TRP B 32 16.53 -23.74 19.60
CA TRP B 32 15.54 -22.82 19.08
C TRP B 32 15.98 -21.72 18.14
N GLU B 33 17.25 -21.31 18.21
CA GLU B 33 17.79 -20.33 17.28
C GLU B 33 17.79 -20.95 15.89
N LEU B 34 18.23 -22.21 15.84
CA LEU B 34 18.32 -23.01 14.64
C LEU B 34 16.95 -23.30 14.02
N ILE B 35 15.94 -23.63 14.85
CA ILE B 35 14.57 -23.87 14.40
C ILE B 35 14.00 -22.59 13.75
N SER B 36 14.30 -21.43 14.35
CA SER B 36 13.91 -20.10 13.88
C SER B 36 14.55 -19.74 12.54
N ARG B 37 15.79 -20.21 12.28
CA ARG B 37 16.48 -19.98 11.01
C ARG B 37 15.84 -20.76 9.85
N LEU B 38 15.01 -21.78 10.22
CA LEU B 38 14.26 -22.65 9.30
C LEU B 38 12.86 -22.11 9.04
N CYS B 39 12.38 -21.13 9.87
CA CYS B 39 11.08 -20.47 9.66
C CYS B 39 11.36 -19.01 9.37
N PRO B 40 12.01 -18.63 8.24
CA PRO B 40 12.26 -17.19 8.02
C PRO B 40 11.03 -16.53 7.43
N ASN B 41 10.79 -15.25 7.82
CA ASN B 41 9.62 -14.50 7.38
C ASN B 41 8.37 -15.38 7.50
N SER B 42 8.10 -15.78 8.74
CA SER B 42 7.00 -16.65 9.07
C SER B 42 6.15 -16.02 10.13
N THR B 43 4.82 -15.99 9.92
CA THR B 43 3.81 -15.39 10.79
C THR B 43 3.84 -15.90 12.22
N GLY B 44 3.12 -15.19 13.10
CA GLY B 44 3.02 -15.55 14.51
C GLY B 44 2.52 -16.97 14.66
N ALA B 45 1.24 -17.18 14.27
CA ALA B 45 0.56 -18.47 14.33
C ALA B 45 1.13 -19.55 13.41
N GLU B 46 1.99 -19.17 12.45
CA GLU B 46 2.69 -20.11 11.57
C GLU B 46 3.68 -20.91 12.44
N LEU B 47 4.44 -20.19 13.29
CA LEU B 47 5.40 -20.72 14.26
C LEU B 47 4.69 -21.52 15.34
N ARG B 48 3.50 -21.04 15.79
CA ARG B 48 2.67 -21.71 16.79
C ARG B 48 2.21 -23.03 16.24
N SER B 49 1.93 -23.08 14.92
CA SER B 49 1.51 -24.31 14.25
C SER B 49 2.65 -25.28 14.10
N VAL B 50 3.89 -24.77 13.92
CA VAL B 50 5.08 -25.62 13.86
C VAL B 50 5.17 -26.40 15.21
N CYS B 51 4.69 -25.76 16.33
CA CYS B 51 4.67 -26.37 17.66
C CYS B 51 3.57 -27.41 17.77
N THR B 52 2.37 -27.07 17.28
CA THR B 52 1.25 -27.99 17.24
C THR B 52 1.65 -29.22 16.44
N GLU B 53 2.36 -29.00 15.31
CA GLU B 53 2.83 -30.07 14.46
C GLU B 53 3.85 -30.94 15.09
N ALA B 54 4.82 -30.34 15.78
CA ALA B 54 5.86 -31.06 16.52
C ALA B 54 5.20 -31.98 17.56
N GLY B 55 4.15 -31.46 18.22
CA GLY B 55 3.33 -32.17 19.19
C GLY B 55 2.65 -33.35 18.55
N MET B 56 2.21 -33.17 17.31
CA MET B 56 1.58 -34.24 16.56
C MET B 56 2.54 -35.33 16.19
N PHE B 57 3.75 -34.98 15.71
CA PHE B 57 4.76 -35.98 15.36
C PHE B 57 5.20 -36.82 16.52
N ALA B 58 5.12 -36.24 17.73
CA ALA B 58 5.44 -36.93 18.97
C ALA B 58 4.33 -37.96 19.22
N ILE B 59 3.06 -37.51 19.25
CA ILE B 59 1.90 -38.38 19.44
C ILE B 59 1.88 -39.49 18.39
N ARG B 60 2.24 -39.16 17.15
CA ARG B 60 2.30 -40.09 16.02
C ARG B 60 3.29 -41.20 16.23
N ALA B 61 4.39 -40.90 16.92
CA ALA B 61 5.44 -41.88 17.21
C ALA B 61 5.29 -42.44 18.63
N ARG B 62 4.07 -42.36 19.17
CA ARG B 62 3.72 -42.83 20.51
C ARG B 62 4.74 -42.31 21.52
N ARG B 63 4.82 -40.99 21.62
CA ARG B 63 5.74 -40.28 22.51
C ARG B 63 5.01 -39.19 23.23
N LYS B 64 5.52 -38.79 24.39
CA LYS B 64 4.95 -37.67 25.09
C LYS B 64 5.84 -36.48 24.93
N VAL B 65 7.17 -36.69 25.06
CA VAL B 65 8.17 -35.64 24.90
C VAL B 65 8.53 -35.49 23.42
N ALA B 66 8.26 -34.28 22.83
CA ALA B 66 8.50 -33.98 21.40
C ALA B 66 9.98 -33.69 21.13
N THR B 67 10.59 -34.43 20.20
CA THR B 67 12.00 -34.30 19.83
C THR B 67 12.20 -33.02 19.03
N GLU B 68 13.47 -32.65 18.83
CA GLU B 68 13.86 -31.53 17.97
C GLU B 68 13.58 -32.04 16.56
N LYS B 69 13.75 -33.37 16.36
CA LYS B 69 13.48 -34.10 15.12
C LYS B 69 11.97 -33.96 14.76
N ASP B 70 11.07 -33.99 15.78
CA ASP B 70 9.62 -33.81 15.66
C ASP B 70 9.32 -32.39 15.21
N PHE B 71 10.14 -31.42 15.67
CA PHE B 71 10.06 -30.02 15.25
C PHE B 71 10.55 -29.83 13.81
N LEU B 72 11.59 -30.61 13.38
CA LEU B 72 12.13 -30.57 12.01
C LEU B 72 11.10 -31.07 11.04
N LYS B 73 10.39 -32.14 11.46
CA LYS B 73 9.30 -32.80 10.75
C LYS B 73 8.14 -31.80 10.65
N ALA B 74 7.97 -31.04 11.74
CA ALA B 74 6.96 -30.00 11.87
C ALA B 74 7.25 -28.86 10.94
N VAL B 75 8.51 -28.40 10.84
CA VAL B 75 8.90 -27.29 9.93
C VAL B 75 8.66 -27.75 8.47
N ASP B 76 9.19 -28.93 8.08
CA ASP B 76 9.03 -29.45 6.72
C ASP B 76 7.55 -29.56 6.33
N LYS B 77 6.69 -29.91 7.30
CA LYS B 77 5.25 -29.99 7.07
C LYS B 77 4.61 -28.61 6.90
N VAL B 78 4.79 -27.70 7.87
CA VAL B 78 4.17 -26.37 7.87
C VAL B 78 4.86 -25.30 7.04
N ILE B 79 6.16 -25.13 7.23
CA ILE B 79 6.90 -24.08 6.54
C ILE B 79 7.16 -24.44 5.08
N SER B 80 7.88 -25.54 4.82
CA SER B 80 8.27 -25.99 3.45
C SER B 80 7.11 -26.58 2.68
N GLY B 81 6.05 -26.88 3.39
CA GLY B 81 4.84 -27.47 2.85
C GLY B 81 3.88 -26.51 2.18
N TYR B 82 3.83 -26.65 0.84
CA TYR B 82 2.94 -25.96 -0.09
C TYR B 82 1.51 -26.49 0.15
N LYS B 83 0.49 -25.59 0.13
CA LYS B 83 -0.91 -25.90 0.42
C LYS B 83 -1.45 -27.05 -0.39
N TYR C 13 26.09 12.96 -8.78
CA TYR C 13 25.41 11.85 -9.47
C TYR C 13 24.18 12.29 -10.29
N VAL C 14 23.37 13.17 -9.70
CA VAL C 14 22.16 13.70 -10.30
C VAL C 14 22.52 14.66 -11.44
N GLU C 15 23.53 15.54 -11.26
CA GLU C 15 24.00 16.45 -12.32
C GLU C 15 24.70 15.69 -13.45
N ASN C 16 25.30 14.52 -13.14
CA ASN C 16 25.98 13.63 -14.10
C ASN C 16 24.95 13.06 -15.08
N LEU C 17 23.73 12.78 -14.56
CA LEU C 17 22.60 12.25 -15.32
C LEU C 17 21.96 13.31 -16.22
N LEU C 18 21.98 14.59 -15.81
CA LEU C 18 21.40 15.71 -16.56
C LEU C 18 22.30 16.13 -17.72
N THR C 19 23.62 16.23 -17.48
CA THR C 19 24.60 16.63 -18.49
C THR C 19 24.66 15.59 -19.60
N GLN C 20 24.59 14.27 -19.26
CA GLN C 20 24.62 13.18 -20.24
C GLN C 20 23.37 13.14 -21.12
N LEU C 21 22.25 13.70 -20.62
CA LEU C 21 20.99 13.83 -21.34
C LEU C 21 21.18 14.97 -22.35
N GLU C 22 21.67 16.14 -21.88
CA GLU C 22 21.98 17.34 -22.64
C GLU C 22 22.83 17.01 -23.89
N ASN C 23 23.79 16.08 -23.75
CA ASN C 23 24.67 15.61 -24.81
C ASN C 23 23.93 14.72 -25.82
N GLU C 24 23.18 13.71 -25.33
CA GLU C 24 22.42 12.77 -26.16
C GLU C 24 21.31 13.43 -26.98
N LEU C 25 20.84 14.63 -26.55
CA LEU C 25 19.82 15.44 -27.22
C LEU C 25 20.41 16.36 -28.31
N ASN C 26 21.54 17.05 -27.99
CA ASN C 26 22.23 17.97 -28.92
C ASN C 26 22.94 17.25 -30.08
N GLU C 27 22.97 15.90 -30.02
CA GLU C 27 23.55 15.02 -31.03
C GLU C 27 22.78 15.12 -32.34
N ASP C 28 23.47 14.83 -33.46
CA ASP C 28 22.95 14.82 -34.83
C ASP C 28 21.77 13.83 -34.95
N ASN C 29 21.92 12.66 -34.30
CA ASN C 29 20.91 11.60 -34.21
C ASN C 29 20.79 11.15 -32.77
N LEU C 30 19.57 10.85 -32.34
CA LEU C 30 19.23 10.47 -30.96
C LEU C 30 19.10 8.95 -30.74
N PRO C 31 19.57 8.42 -29.58
CA PRO C 31 19.50 6.96 -29.36
C PRO C 31 18.12 6.37 -29.05
N GLU C 32 18.07 5.03 -28.89
CA GLU C 32 16.87 4.26 -28.53
C GLU C 32 16.64 4.41 -27.02
N ASP C 33 17.74 4.33 -26.25
CA ASP C 33 17.81 4.40 -24.79
C ASP C 33 17.27 5.70 -24.18
N ILE C 34 17.24 6.81 -24.97
CA ILE C 34 16.80 8.16 -24.54
C ILE C 34 15.59 8.18 -23.60
N ASN C 35 14.55 7.38 -23.90
CA ASN C 35 13.34 7.27 -23.08
C ASN C 35 13.63 6.69 -21.69
N THR C 36 14.48 5.65 -21.61
CA THR C 36 14.88 5.04 -20.34
C THR C 36 15.77 5.99 -19.53
N LEU C 37 16.50 6.89 -20.23
CA LEU C 37 17.35 7.92 -19.64
C LEU C 37 16.48 9.03 -19.06
N LEU C 38 15.49 9.52 -19.84
CA LEU C 38 14.54 10.56 -19.40
C LEU C 38 13.74 10.10 -18.18
N ARG C 39 13.37 8.80 -18.16
CA ARG C 39 12.66 8.14 -17.06
C ARG C 39 13.60 8.09 -15.85
N LYS C 40 14.91 7.83 -16.08
CA LYS C 40 15.91 7.81 -15.01
C LYS C 40 16.14 9.24 -14.50
N CYS C 41 15.98 10.26 -15.37
CA CYS C 41 16.12 11.66 -14.98
C CYS C 41 14.96 12.07 -14.07
N SER C 42 13.71 11.76 -14.49
CA SER C 42 12.48 12.05 -13.74
C SER C 42 12.46 11.39 -12.36
N LEU C 43 12.92 10.13 -12.28
CA LEU C 43 12.98 9.33 -11.06
C LEU C 43 13.97 9.92 -10.06
N ASN C 44 15.17 10.32 -10.54
CA ASN C 44 16.24 10.88 -9.73
C ASN C 44 16.07 12.36 -9.41
N LEU C 45 15.02 12.99 -9.95
CA LEU C 45 14.73 14.40 -9.70
C LEU C 45 13.68 14.59 -8.61
N VAL C 46 12.92 13.52 -8.29
CA VAL C 46 11.94 13.51 -7.19
C VAL C 46 12.81 13.52 -5.93
N THR C 47 13.74 12.55 -5.88
CA THR C 47 14.77 12.37 -4.84
C THR C 47 15.79 13.49 -5.05
N VAL C 48 16.53 13.88 -3.99
CA VAL C 48 17.53 14.96 -3.99
C VAL C 48 16.79 16.30 -3.89
N VAL C 49 17.26 17.18 -2.99
CA VAL C 49 16.73 18.53 -2.82
C VAL C 49 17.45 19.47 -3.79
N SER C 50 16.82 20.63 -4.07
CA SER C 50 17.18 21.67 -5.04
C SER C 50 18.35 21.36 -5.98
N LEU C 51 19.63 21.28 -5.47
CA LEU C 51 20.92 20.96 -6.10
C LEU C 51 21.60 22.09 -7.01
N PRO C 52 22.15 23.14 -6.33
CA PRO C 52 22.72 24.29 -7.06
C PRO C 52 23.83 24.16 -8.10
N ASP C 53 24.59 23.05 -8.19
CA ASP C 53 25.75 22.83 -9.08
C ASP C 53 25.97 23.67 -10.38
N MET C 54 24.92 24.06 -11.16
CA MET C 54 25.04 24.80 -12.42
C MET C 54 23.66 25.39 -12.78
N ASP C 55 23.68 26.56 -13.45
CA ASP C 55 22.49 27.34 -13.85
C ASP C 55 21.47 26.71 -14.83
N VAL C 56 21.62 25.38 -15.16
CA VAL C 56 20.76 24.54 -16.03
C VAL C 56 20.40 25.08 -17.42
N LYS C 57 20.84 26.32 -17.72
CA LYS C 57 20.63 27.01 -19.00
C LYS C 57 20.87 26.09 -20.23
N PRO C 58 21.95 25.25 -20.30
CA PRO C 58 22.12 24.39 -21.48
C PRO C 58 21.00 23.39 -21.76
N LEU C 59 20.57 22.62 -20.72
CA LEU C 59 19.52 21.62 -20.86
C LEU C 59 18.15 22.21 -21.11
N LEU C 60 17.87 23.39 -20.54
CA LEU C 60 16.60 24.08 -20.75
C LEU C 60 16.53 24.72 -22.14
N ALA C 61 17.69 25.14 -22.69
CA ALA C 61 17.80 25.71 -24.03
C ALA C 61 17.55 24.60 -25.04
N THR C 62 18.16 23.42 -24.80
CA THR C 62 18.03 22.20 -25.59
C THR C 62 16.60 21.67 -25.54
N ILE C 63 15.96 21.76 -24.36
CA ILE C 63 14.58 21.31 -24.18
C ILE C 63 13.57 22.22 -24.91
N LYS C 64 13.73 23.57 -24.82
CA LYS C 64 12.89 24.57 -25.47
C LYS C 64 12.99 24.44 -27.00
N ARG C 65 14.20 24.14 -27.49
CA ARG C 65 14.54 23.93 -28.89
C ARG C 65 13.84 22.67 -29.39
N PHE C 66 13.85 21.60 -28.58
CA PHE C 66 13.24 20.30 -28.89
C PHE C 66 11.73 20.33 -28.99
N LEU C 67 11.10 21.24 -28.24
CA LEU C 67 9.64 21.39 -28.21
C LEU C 67 9.14 22.25 -29.36
N THR C 68 9.75 23.45 -29.59
CA THR C 68 9.41 24.37 -30.68
C THR C 68 9.55 23.64 -32.02
N SER C 69 10.49 22.69 -32.09
CA SER C 69 10.68 21.81 -33.22
C SER C 69 9.69 20.68 -33.03
N ASN C 70 8.54 20.79 -33.70
CA ASN C 70 7.42 19.84 -33.68
C ASN C 70 7.84 18.38 -33.85
N VAL C 71 8.95 18.18 -34.62
CA VAL C 71 9.59 16.92 -35.02
C VAL C 71 9.18 15.67 -34.26
N SER C 72 8.51 14.76 -34.97
CA SER C 72 8.01 13.50 -34.46
C SER C 72 9.15 12.48 -34.50
N TYR C 73 9.40 11.83 -33.36
CA TYR C 73 10.44 10.81 -33.27
C TYR C 73 9.86 9.45 -33.02
N ASP C 74 10.40 8.45 -33.72
CA ASP C 74 9.99 7.05 -33.66
C ASP C 74 10.25 6.44 -32.28
N SER C 75 11.35 6.88 -31.63
CA SER C 75 11.76 6.45 -30.30
C SER C 75 11.20 7.38 -29.21
N LEU C 76 11.45 8.71 -29.31
CA LEU C 76 11.05 9.72 -28.33
C LEU C 76 9.56 9.83 -28.00
N ASN C 77 9.25 9.59 -26.72
CA ASN C 77 7.93 9.68 -26.13
C ASN C 77 7.91 11.02 -25.39
N TYR C 78 7.50 12.09 -26.13
CA TYR C 78 7.43 13.49 -25.71
C TYR C 78 6.97 13.75 -24.27
N ASP C 79 6.14 12.86 -23.72
CA ASP C 79 5.63 12.95 -22.36
C ASP C 79 6.75 12.82 -21.33
N TYR C 80 7.63 11.78 -21.47
CA TYR C 80 8.78 11.53 -20.58
C TYR C 80 9.70 12.73 -20.47
N LEU C 81 9.82 13.50 -21.57
CA LEU C 81 10.60 14.72 -21.68
C LEU C 81 9.94 15.81 -20.84
N LEU C 82 8.63 16.06 -21.07
CA LEU C 82 7.85 17.07 -20.34
C LEU C 82 7.78 16.78 -18.83
N ASP C 83 7.89 15.47 -18.46
CA ASP C 83 7.93 14.98 -17.08
C ASP C 83 9.19 15.56 -16.43
N VAL C 84 10.32 15.56 -17.18
CA VAL C 84 11.60 16.11 -16.74
C VAL C 84 11.44 17.62 -16.56
N VAL C 85 10.84 18.30 -17.56
CA VAL C 85 10.60 19.74 -17.54
C VAL C 85 9.78 20.14 -16.32
N ASP C 86 8.69 19.40 -16.03
CA ASP C 86 7.83 19.65 -14.87
C ASP C 86 8.62 19.61 -13.57
N LYS C 87 9.53 18.63 -13.43
CA LYS C 87 10.35 18.43 -12.23
C LYS C 87 11.56 19.35 -12.16
N LEU C 88 12.06 19.82 -13.32
CA LEU C 88 13.25 20.67 -13.41
C LEU C 88 12.99 22.13 -13.05
N VAL C 89 12.02 22.77 -13.73
CA VAL C 89 11.65 24.17 -13.56
C VAL C 89 11.49 24.64 -12.09
N PRO C 90 10.76 23.91 -11.19
CA PRO C 90 10.64 24.38 -9.79
C PRO C 90 11.95 24.35 -9.01
N MET C 91 12.76 23.28 -9.19
CA MET C 91 14.05 23.10 -8.52
C MET C 91 15.06 24.14 -8.97
N ALA C 92 15.02 24.50 -10.27
CA ALA C 92 15.90 25.46 -10.93
C ALA C 92 15.67 26.90 -10.48
N ASP C 93 16.73 27.72 -10.58
CA ASP C 93 16.75 29.14 -10.25
C ASP C 93 15.92 29.84 -11.34
N PHE C 94 14.73 30.36 -10.97
CA PHE C 94 13.78 31.00 -11.88
C PHE C 94 14.33 32.19 -12.69
N ASP C 95 15.27 32.96 -12.10
CA ASP C 95 15.89 34.10 -12.78
C ASP C 95 16.65 33.64 -14.02
N ASP C 96 17.32 32.47 -13.93
CA ASP C 96 18.04 31.88 -15.04
C ASP C 96 17.08 31.14 -15.99
N VAL C 97 15.90 30.72 -15.49
CA VAL C 97 14.86 30.05 -16.30
C VAL C 97 14.22 31.11 -17.22
N LEU C 98 14.05 32.35 -16.69
CA LEU C 98 13.49 33.46 -17.45
C LEU C 98 14.36 33.85 -18.64
N GLU C 99 15.66 33.49 -18.62
CA GLU C 99 16.57 33.75 -19.72
C GLU C 99 16.18 32.89 -20.93
N VAL C 100 16.00 31.57 -20.73
CA VAL C 100 15.62 30.62 -21.78
C VAL C 100 14.18 30.84 -22.26
N TYR C 101 13.22 30.80 -21.33
CA TYR C 101 11.80 31.03 -21.60
C TYR C 101 11.53 32.46 -21.19
N SER C 102 11.83 33.42 -22.07
CA SER C 102 11.63 34.85 -21.79
C SER C 102 10.15 35.22 -21.72
N ALA C 103 9.83 36.37 -21.09
CA ALA C 103 8.47 36.87 -20.98
C ALA C 103 7.78 36.82 -22.33
N GLU C 104 8.50 37.25 -23.39
CA GLU C 104 8.01 37.22 -24.76
C GLU C 104 7.98 35.83 -25.37
N ASP C 105 8.96 34.96 -25.00
CA ASP C 105 9.03 33.59 -25.50
C ASP C 105 7.76 32.82 -25.12
N LEU C 106 7.22 33.08 -23.90
CA LEU C 106 6.02 32.42 -23.39
C LEU C 106 4.77 32.89 -24.14
N VAL C 107 4.65 34.21 -24.42
CA VAL C 107 3.54 34.78 -25.21
C VAL C 107 3.52 34.02 -26.55
N LYS C 108 4.71 33.87 -27.17
CA LYS C 108 4.96 33.17 -28.44
C LYS C 108 4.51 31.71 -28.35
N ALA C 109 4.99 30.99 -27.31
CA ALA C 109 4.69 29.57 -27.07
C ALA C 109 3.20 29.29 -26.94
N LEU C 110 2.51 30.02 -26.04
CA LEU C 110 1.07 29.85 -25.75
C LEU C 110 0.16 30.22 -26.92
N ARG C 111 0.66 31.02 -27.87
CA ARG C 111 -0.11 31.42 -29.03
C ARG C 111 0.22 30.54 -30.24
N SER C 112 1.19 29.63 -30.08
CA SER C 112 1.62 28.70 -31.12
C SER C 112 0.59 27.61 -31.36
N GLU C 113 0.98 26.59 -32.12
CA GLU C 113 0.14 25.45 -32.40
C GLU C 113 0.78 24.16 -31.91
N ILE C 114 1.96 24.29 -31.29
CA ILE C 114 2.71 23.17 -30.72
C ILE C 114 2.21 22.95 -29.30
N ASP C 115 1.31 21.97 -29.11
CA ASP C 115 0.75 21.64 -27.79
C ASP C 115 1.82 21.30 -26.74
N PRO C 116 2.82 20.41 -26.98
CA PRO C 116 3.84 20.15 -25.94
C PRO C 116 4.65 21.38 -25.53
N LEU C 117 4.84 22.35 -26.44
CA LEU C 117 5.56 23.59 -26.13
C LEU C 117 4.73 24.46 -25.20
N LYS C 118 3.40 24.52 -25.45
CA LYS C 118 2.45 25.28 -24.64
C LYS C 118 2.61 24.81 -23.19
N VAL C 119 2.50 23.46 -22.96
CA VAL C 119 2.62 22.77 -21.65
C VAL C 119 3.88 23.19 -20.90
N ALA C 120 5.02 23.27 -21.62
CA ALA C 120 6.31 23.68 -21.07
C ALA C 120 6.17 25.09 -20.46
N ALA C 121 5.52 26.04 -21.21
CA ALA C 121 5.25 27.42 -20.77
C ALA C 121 4.46 27.43 -19.45
N CYS C 122 3.42 26.58 -19.37
CA CYS C 122 2.55 26.39 -18.20
C CYS C 122 3.29 25.87 -16.97
N ARG C 123 4.44 25.23 -17.17
CA ARG C 123 5.24 24.70 -16.07
C ARG C 123 6.12 25.85 -15.59
N VAL C 124 6.54 26.74 -16.53
CA VAL C 124 7.36 27.93 -16.27
C VAL C 124 6.49 28.95 -15.51
N ILE C 125 5.31 29.27 -16.07
CA ILE C 125 4.31 30.19 -15.53
C ILE C 125 3.82 29.71 -14.15
N GLU C 126 3.77 28.38 -13.94
CA GLU C 126 3.39 27.77 -12.66
C GLU C 126 4.44 28.17 -11.61
N ASN C 127 5.70 27.99 -11.96
CA ASN C 127 6.79 28.28 -11.07
C ASN C 127 7.30 29.73 -11.17
N SER C 128 6.37 30.71 -11.36
CA SER C 128 6.72 32.14 -11.43
C SER C 128 7.13 32.71 -10.08
N GLN C 129 8.32 33.34 -10.03
CA GLN C 129 8.89 33.95 -8.83
C GLN C 129 9.43 35.36 -9.15
N PRO C 130 8.83 36.46 -8.61
CA PRO C 130 7.66 36.52 -7.72
C PRO C 130 6.42 36.08 -8.47
N LYS C 131 5.36 35.74 -7.76
CA LYS C 131 4.15 35.25 -8.41
C LYS C 131 3.51 36.19 -9.43
N GLY C 132 3.36 37.47 -9.06
CA GLY C 132 2.78 38.50 -9.94
C GLY C 132 3.69 39.06 -11.01
N LEU C 133 4.60 38.22 -11.55
CA LEU C 133 5.56 38.59 -12.59
C LEU C 133 4.85 38.92 -13.88
N PHE C 134 4.05 37.98 -14.38
CA PHE C 134 3.35 38.12 -15.64
C PHE C 134 1.95 38.76 -15.47
N ALA C 135 1.67 39.34 -14.29
CA ALA C 135 0.40 40.01 -13.98
C ALA C 135 0.30 41.36 -14.69
N THR C 136 1.45 41.95 -15.03
CA THR C 136 1.55 43.22 -15.76
C THR C 136 1.26 42.95 -17.24
N SER C 137 1.70 41.77 -17.72
CA SER C 137 1.55 41.31 -19.10
C SER C 137 0.24 40.56 -19.32
N ASN C 138 -0.09 40.30 -20.60
CA ASN C 138 -1.29 39.57 -21.00
C ASN C 138 -1.08 38.04 -21.03
N ILE C 139 -0.03 37.53 -20.35
CA ILE C 139 0.23 36.09 -20.28
C ILE C 139 -0.92 35.37 -19.55
N ILE C 140 -1.50 36.03 -18.53
CA ILE C 140 -2.65 35.50 -17.82
C ILE C 140 -3.85 35.44 -18.79
N ASP C 141 -4.06 36.52 -19.56
CA ASP C 141 -5.14 36.66 -20.55
C ASP C 141 -5.15 35.52 -21.56
N ILE C 142 -3.96 35.13 -22.09
CA ILE C 142 -3.77 34.04 -23.06
C ILE C 142 -4.30 32.72 -22.48
N LEU C 143 -3.75 32.31 -21.32
CA LEU C 143 -4.12 31.07 -20.62
C LEU C 143 -5.65 30.87 -20.50
N LEU C 144 -6.39 31.95 -20.20
CA LEU C 144 -7.84 31.93 -20.08
C LEU C 144 -8.53 31.64 -21.41
N ASP C 145 -7.96 32.13 -22.52
CA ASP C 145 -8.51 31.87 -23.85
C ASP C 145 -8.30 30.41 -24.23
N ILE C 146 -7.20 29.78 -23.76
CA ILE C 146 -6.90 28.38 -24.02
C ILE C 146 -7.82 27.53 -23.16
N LEU C 147 -7.88 27.82 -21.85
CA LEU C 147 -8.70 27.11 -20.86
C LEU C 147 -10.17 27.07 -21.21
N PHE C 148 -10.74 28.19 -21.69
CA PHE C 148 -12.17 28.25 -22.02
C PHE C 148 -12.57 27.96 -23.48
N ASP C 149 -11.66 27.35 -24.23
CA ASP C 149 -11.88 26.96 -25.60
C ASP C 149 -12.15 25.48 -25.66
N GLU C 150 -13.40 25.13 -25.91
CA GLU C 150 -13.92 23.76 -25.96
C GLU C 150 -13.20 22.88 -26.94
N LYS C 151 -12.61 23.47 -27.98
CA LYS C 151 -11.88 22.74 -29.01
C LYS C 151 -10.57 22.18 -28.48
N VAL C 152 -10.02 22.79 -27.40
CA VAL C 152 -8.78 22.34 -26.76
C VAL C 152 -9.06 21.06 -26.00
N GLU C 153 -8.71 19.91 -26.58
CA GLU C 153 -8.98 18.62 -25.93
C GLU C 153 -7.76 17.97 -25.27
N ASN C 154 -6.63 18.70 -25.20
CA ASN C 154 -5.41 18.21 -24.57
C ASN C 154 -5.56 18.25 -23.06
N ASP C 155 -5.73 17.06 -22.48
CA ASP C 155 -5.91 16.88 -21.04
C ASP C 155 -4.69 17.31 -20.24
N LYS C 156 -3.47 16.92 -20.69
CA LYS C 156 -2.20 17.28 -20.06
C LYS C 156 -2.01 18.80 -20.00
N LEU C 157 -2.38 19.50 -21.08
CA LEU C 157 -2.30 20.95 -21.20
C LEU C 157 -3.34 21.67 -20.37
N ILE C 158 -4.62 21.26 -20.48
CA ILE C 158 -5.75 21.84 -19.73
C ILE C 158 -5.44 21.91 -18.24
N THR C 159 -4.86 20.82 -17.71
CA THR C 159 -4.45 20.64 -16.33
C THR C 159 -3.26 21.54 -16.00
N ALA C 160 -2.23 21.57 -16.87
CA ALA C 160 -1.03 22.39 -16.71
C ALA C 160 -1.38 23.86 -16.54
N ILE C 161 -2.42 24.33 -17.28
CA ILE C 161 -2.99 25.68 -17.25
C ILE C 161 -3.63 25.94 -15.88
N GLU C 162 -4.43 24.99 -15.38
CA GLU C 162 -5.07 25.09 -14.07
C GLU C 162 -4.06 25.01 -12.90
N LYS C 163 -3.06 24.08 -13.00
CA LYS C 163 -1.98 23.86 -12.02
C LYS C 163 -1.16 25.15 -11.93
N ALA C 164 -0.96 25.82 -13.07
CA ALA C 164 -0.24 27.08 -13.13
C ALA C 164 -1.07 28.22 -12.52
N LEU C 165 -2.37 28.25 -12.81
CA LEU C 165 -3.28 29.28 -12.33
C LEU C 165 -3.47 29.24 -10.83
N GLU C 166 -3.65 28.04 -10.27
CA GLU C 166 -3.85 27.76 -8.85
C GLU C 166 -2.69 28.27 -8.00
N ARG C 167 -1.46 28.03 -8.47
CA ARG C 167 -0.24 28.45 -7.81
C ARG C 167 -0.15 29.98 -7.78
N LEU C 168 -0.35 30.63 -8.93
CA LEU C 168 -0.26 32.08 -9.08
C LEU C 168 -1.36 32.88 -8.39
N SER C 169 -2.54 32.29 -8.18
CA SER C 169 -3.68 32.96 -7.59
C SER C 169 -3.57 33.43 -6.13
N THR C 170 -2.47 33.08 -5.42
CA THR C 170 -2.25 33.51 -4.03
C THR C 170 -1.91 35.00 -4.00
N ASP C 171 -1.34 35.48 -5.11
CA ASP C 171 -0.92 36.85 -5.38
C ASP C 171 -2.12 37.74 -5.73
N GLU C 172 -2.13 38.97 -5.20
CA GLU C 172 -3.20 39.95 -5.43
C GLU C 172 -3.15 40.49 -6.87
N LEU C 173 -1.94 40.63 -7.43
CA LEU C 173 -1.73 41.14 -8.78
C LEU C 173 -2.25 40.18 -9.82
N ILE C 174 -2.03 38.87 -9.62
CA ILE C 174 -2.51 37.84 -10.53
C ILE C 174 -4.04 37.81 -10.51
N ARG C 175 -4.65 37.93 -9.31
CA ARG C 175 -6.10 37.94 -9.14
C ARG C 175 -6.76 39.18 -9.76
N ARG C 176 -6.05 40.33 -9.74
CA ARG C 176 -6.56 41.58 -10.33
C ARG C 176 -6.69 41.43 -11.84
N ARG C 177 -5.70 40.79 -12.49
CA ARG C 177 -5.70 40.54 -13.92
C ARG C 177 -6.90 39.66 -14.31
N LEU C 178 -7.24 38.67 -13.47
CA LEU C 178 -8.37 37.78 -13.70
C LEU C 178 -9.71 38.48 -13.52
N PHE C 179 -9.92 39.13 -12.36
CA PHE C 179 -11.21 39.76 -12.01
C PHE C 179 -11.34 41.24 -12.27
N ASP C 180 -10.69 41.73 -13.32
CA ASP C 180 -10.76 43.11 -13.76
C ASP C 180 -10.48 43.20 -15.26
N ASN C 181 -9.24 42.86 -15.67
CA ASN C 181 -8.77 42.87 -17.05
C ASN C 181 -9.49 41.80 -17.87
N ASN C 182 -9.60 40.60 -17.30
CA ASN C 182 -10.24 39.46 -17.93
C ASN C 182 -11.70 39.26 -17.50
N LEU C 183 -12.19 40.01 -16.48
CA LEU C 183 -13.59 39.93 -16.00
C LEU C 183 -14.64 39.96 -17.11
N PRO C 184 -14.52 40.82 -18.16
CA PRO C 184 -15.51 40.78 -19.26
C PRO C 184 -15.54 39.45 -20.01
N TYR C 185 -14.34 38.87 -20.27
CA TYR C 185 -14.22 37.58 -20.94
C TYR C 185 -14.88 36.50 -20.08
N LEU C 186 -14.48 36.42 -18.78
CA LEU C 186 -15.03 35.46 -17.80
C LEU C 186 -16.55 35.45 -17.79
N VAL C 187 -17.16 36.66 -17.82
CA VAL C 187 -18.60 36.89 -17.84
C VAL C 187 -19.24 36.32 -19.11
N SER C 188 -18.53 36.46 -20.26
CA SER C 188 -18.99 35.92 -21.53
C SER C 188 -19.14 34.40 -21.49
N VAL C 189 -18.14 33.66 -20.93
CA VAL C 189 -18.16 32.19 -20.82
C VAL C 189 -19.36 31.70 -20.02
N LYS C 190 -19.71 32.48 -19.00
CA LYS C 190 -20.80 32.23 -18.05
C LYS C 190 -22.18 32.31 -18.69
N GLY C 191 -22.43 33.37 -19.44
CA GLY C 191 -23.70 33.51 -20.13
C GLY C 191 -23.81 32.59 -21.35
N ARG C 192 -22.63 32.25 -21.93
CA ARG C 192 -22.47 31.38 -23.09
C ARG C 192 -23.05 30.01 -22.72
N MET C 193 -22.56 29.43 -21.60
CA MET C 193 -22.99 28.16 -21.01
C MET C 193 -22.88 26.98 -21.96
N GLU C 194 -21.70 26.82 -22.55
CA GLU C 194 -21.43 25.65 -23.38
C GLU C 194 -20.78 24.73 -22.40
N THR C 195 -21.39 23.55 -22.18
CA THR C 195 -20.99 22.49 -21.25
C THR C 195 -19.48 22.46 -20.90
N VAL C 196 -18.61 22.06 -21.84
CA VAL C 196 -17.15 21.99 -21.68
C VAL C 196 -16.56 23.32 -21.20
N SER C 197 -16.89 24.44 -21.86
CA SER C 197 -16.37 25.75 -21.47
C SER C 197 -16.84 26.16 -20.06
N PHE C 198 -18.16 26.07 -19.84
CA PHE C 198 -18.86 26.42 -18.60
C PHE C 198 -18.36 25.63 -17.39
N VAL C 199 -18.29 24.30 -17.52
CA VAL C 199 -17.82 23.41 -16.43
C VAL C 199 -16.37 23.76 -16.05
N ARG C 200 -15.55 24.13 -17.05
CA ARG C 200 -14.17 24.56 -16.82
C ARG C 200 -14.16 25.83 -15.97
N LEU C 201 -15.13 26.76 -16.27
CA LEU C 201 -15.33 28.00 -15.53
C LEU C 201 -15.74 27.73 -14.09
N ILE C 202 -16.69 26.77 -13.86
CA ILE C 202 -17.12 26.35 -12.51
C ILE C 202 -15.87 25.99 -11.70
N ASP C 203 -15.08 25.03 -12.23
CA ASP C 203 -13.86 24.52 -11.62
C ASP C 203 -12.76 25.56 -11.45
N PHE C 204 -12.65 26.52 -12.40
CA PHE C 204 -11.73 27.64 -12.28
C PHE C 204 -12.19 28.52 -11.10
N LEU C 205 -13.51 28.82 -11.03
CA LEU C 205 -14.13 29.65 -10.00
C LEU C 205 -14.08 29.05 -8.62
N THR C 206 -14.25 27.72 -8.48
CA THR C 206 -14.17 27.08 -7.15
C THR C 206 -12.78 27.19 -6.54
N ILE C 207 -11.75 27.31 -7.42
CA ILE C 207 -10.34 27.49 -7.06
C ILE C 207 -10.15 28.93 -6.69
N GLU C 208 -10.65 29.84 -7.51
CA GLU C 208 -10.49 31.27 -7.26
C GLU C 208 -11.14 31.77 -6.01
N PHE C 209 -12.27 31.18 -5.57
CA PHE C 209 -12.92 31.61 -4.33
C PHE C 209 -12.12 31.33 -3.05
N GLN C 210 -11.11 30.46 -3.12
CA GLN C 210 -10.22 30.14 -2.01
C GLN C 210 -9.38 31.36 -1.61
N PHE C 211 -8.94 32.15 -2.60
CA PHE C 211 -8.07 33.29 -2.45
C PHE C 211 -8.76 34.65 -2.60
N ILE C 212 -9.99 34.68 -3.12
CA ILE C 212 -10.72 35.93 -3.33
C ILE C 212 -11.07 36.60 -2.02
N SER C 213 -10.89 37.93 -1.97
CA SER C 213 -11.16 38.76 -0.80
C SER C 213 -12.44 39.55 -0.96
N GLY C 214 -13.09 39.88 0.16
CA GLY C 214 -14.31 40.67 0.25
C GLY C 214 -14.46 41.75 -0.81
N PRO C 215 -13.51 42.69 -0.97
CA PRO C 215 -13.65 43.70 -2.04
C PRO C 215 -13.43 43.09 -3.44
N GLU C 216 -12.31 42.37 -3.65
CA GLU C 216 -11.92 41.70 -4.90
C GLU C 216 -13.07 40.94 -5.54
N PHE C 217 -13.99 40.42 -4.70
CA PHE C 217 -15.14 39.64 -5.10
C PHE C 217 -16.05 40.42 -5.96
N LYS C 218 -16.35 39.84 -7.11
CA LYS C 218 -17.26 40.37 -8.09
C LYS C 218 -18.41 39.40 -8.23
N ASP C 219 -19.55 39.83 -7.69
CA ASP C 219 -20.84 39.16 -7.63
C ASP C 219 -21.24 38.55 -8.99
N ILE C 220 -21.08 39.34 -10.07
CA ILE C 220 -21.35 39.03 -11.48
C ILE C 220 -20.82 37.69 -11.98
N ILE C 221 -19.55 37.37 -11.66
CA ILE C 221 -18.88 36.15 -12.08
C ILE C 221 -19.12 34.91 -11.18
N PHE C 222 -19.01 35.07 -9.84
CA PHE C 222 -19.17 33.96 -8.89
C PHE C 222 -20.60 33.52 -8.62
N CYS C 223 -21.60 34.37 -8.94
CA CYS C 223 -22.98 34.03 -8.65
C CYS C 223 -23.84 33.66 -9.83
N PHE C 224 -24.73 32.69 -9.59
CA PHE C 224 -25.66 32.16 -10.57
C PHE C 224 -27.09 32.47 -10.19
N THR C 225 -27.84 33.05 -11.16
CA THR C 225 -29.24 33.48 -11.05
C THR C 225 -30.18 32.29 -11.03
N LYS C 226 -31.43 32.46 -10.54
CA LYS C 226 -32.41 31.36 -10.54
C LYS C 226 -32.61 30.87 -11.98
N GLU C 227 -32.76 31.82 -12.96
CA GLU C 227 -32.93 31.51 -14.38
C GLU C 227 -31.73 30.79 -15.04
N GLU C 228 -30.54 30.89 -14.42
CA GLU C 228 -29.33 30.21 -14.87
C GLU C 228 -29.38 28.76 -14.44
N ILE C 229 -29.74 28.51 -13.15
CA ILE C 229 -29.84 27.18 -12.55
C ILE C 229 -30.88 26.36 -13.30
N LEU C 230 -32.04 26.94 -13.62
CA LEU C 230 -33.08 26.25 -14.36
C LEU C 230 -32.72 25.93 -15.81
N LYS C 231 -31.84 26.76 -16.40
CA LYS C 231 -31.35 26.58 -17.77
C LYS C 231 -30.37 25.41 -17.79
N SER C 232 -29.63 25.21 -16.69
CA SER C 232 -28.66 24.11 -16.60
C SER C 232 -29.33 22.74 -16.55
N VAL C 233 -30.53 22.64 -15.96
CA VAL C 233 -31.30 21.40 -15.81
C VAL C 233 -31.46 20.61 -17.11
N GLU C 234 -31.42 21.28 -18.29
CA GLU C 234 -31.53 20.62 -19.60
C GLU C 234 -30.38 19.64 -19.82
N ASP C 235 -29.13 20.17 -19.82
CA ASP C 235 -27.93 19.33 -19.89
C ASP C 235 -27.62 19.03 -18.42
N ILE C 236 -28.23 17.95 -17.86
CA ILE C 236 -28.12 17.64 -16.43
C ILE C 236 -26.70 17.69 -15.87
N LEU C 237 -25.68 17.28 -16.65
CA LEU C 237 -24.27 17.35 -16.27
C LEU C 237 -23.86 18.72 -15.70
N VAL C 238 -24.42 19.81 -16.26
CA VAL C 238 -24.15 21.18 -15.82
C VAL C 238 -24.81 21.44 -14.45
N PHE C 239 -26.10 21.10 -14.28
CA PHE C 239 -26.80 21.27 -12.99
C PHE C 239 -26.04 20.62 -11.85
N ILE C 240 -25.52 19.41 -12.09
CA ILE C 240 -24.74 18.61 -11.16
C ILE C 240 -23.49 19.38 -10.75
N GLU C 241 -22.75 19.87 -11.75
CA GLU C 241 -21.56 20.67 -11.50
C GLU C 241 -21.88 21.96 -10.71
N LEU C 242 -23.03 22.58 -11.00
CA LEU C 242 -23.51 23.79 -10.32
C LEU C 242 -23.87 23.52 -8.86
N VAL C 243 -24.61 22.40 -8.60
CA VAL C 243 -24.98 21.93 -7.26
C VAL C 243 -23.68 21.84 -6.50
N ASN C 244 -22.72 21.10 -7.08
CA ASN C 244 -21.38 20.88 -6.56
C ASN C 244 -20.62 22.16 -6.26
N TYR C 245 -20.60 23.12 -7.21
CA TYR C 245 -19.96 24.42 -7.04
C TYR C 245 -20.40 25.09 -5.73
N TYR C 246 -21.73 25.08 -5.48
CA TYR C 246 -22.36 25.64 -4.31
C TYR C 246 -22.10 24.88 -3.03
N THR C 247 -22.17 23.54 -3.06
CA THR C 247 -21.86 22.70 -1.90
C THR C 247 -20.43 23.05 -1.43
N LYS C 248 -19.50 23.13 -2.39
CA LYS C 248 -18.09 23.49 -2.24
C LYS C 248 -17.93 24.92 -1.73
N PHE C 249 -18.70 25.87 -2.29
CA PHE C 249 -18.73 27.29 -1.95
C PHE C 249 -19.17 27.50 -0.48
N LEU C 250 -20.32 26.91 -0.10
CA LEU C 250 -20.90 26.99 1.25
C LEU C 250 -20.02 26.29 2.31
N LEU C 251 -18.97 25.59 1.83
CA LEU C 251 -18.00 24.88 2.64
C LEU C 251 -16.79 25.74 2.87
N GLU C 252 -16.30 26.39 1.85
CA GLU C 252 -15.18 27.29 2.04
C GLU C 252 -15.66 28.62 2.59
N ILE C 253 -16.84 28.59 3.18
CA ILE C 253 -17.43 29.72 3.85
C ILE C 253 -17.15 29.50 5.34
N ARG C 254 -17.36 28.27 5.82
CA ARG C 254 -17.16 27.88 7.22
C ARG C 254 -15.70 27.56 7.48
N ASN C 255 -14.98 27.10 6.45
CA ASN C 255 -13.59 26.68 6.55
C ASN C 255 -12.58 27.78 6.34
N GLN C 256 -13.02 29.02 6.42
CA GLN C 256 -12.17 30.19 6.27
C GLN C 256 -12.79 31.37 6.98
N ASP C 257 -13.94 31.13 7.64
CA ASP C 257 -14.72 32.14 8.36
C ASP C 257 -14.99 33.38 7.48
N LYS C 258 -15.35 33.10 6.22
CA LYS C 258 -15.71 34.06 5.18
C LYS C 258 -17.21 34.27 5.23
N TYR C 259 -17.76 34.69 6.38
CA TYR C 259 -19.21 34.88 6.54
C TYR C 259 -19.77 36.03 5.72
N TRP C 260 -18.88 36.82 5.11
CA TRP C 260 -19.25 37.94 4.26
C TRP C 260 -19.94 37.46 3.01
N ALA C 261 -19.41 36.41 2.40
CA ALA C 261 -19.96 35.85 1.18
C ALA C 261 -21.31 35.16 1.36
N LEU C 262 -21.73 34.92 2.59
CA LEU C 262 -22.99 34.25 2.85
C LEU C 262 -24.23 34.96 2.35
N ARG C 263 -24.19 36.28 2.16
CA ARG C 263 -25.33 37.03 1.64
C ARG C 263 -25.58 36.71 0.17
N HIS C 264 -24.49 36.69 -0.64
CA HIS C 264 -24.52 36.43 -2.08
C HIS C 264 -25.22 35.14 -2.44
N VAL C 265 -24.94 34.09 -1.68
CA VAL C 265 -25.42 32.75 -1.90
C VAL C 265 -26.81 32.44 -1.35
N LYS C 266 -27.08 32.74 -0.04
CA LYS C 266 -28.35 32.54 0.71
C LYS C 266 -29.59 32.61 -0.17
N LYS C 267 -29.58 33.54 -1.12
CA LYS C 267 -30.66 33.83 -2.05
C LYS C 267 -31.10 32.65 -2.91
N ILE C 268 -30.21 32.11 -3.78
CA ILE C 268 -30.53 30.99 -4.71
C ILE C 268 -30.64 29.62 -4.09
N LEU C 269 -30.15 29.46 -2.87
CA LEU C 269 -30.18 28.14 -2.22
C LEU C 269 -31.54 27.45 -2.22
N PRO C 270 -32.66 28.12 -1.83
CA PRO C 270 -33.96 27.41 -1.83
C PRO C 270 -34.39 26.89 -3.19
N VAL C 271 -33.83 27.47 -4.30
CA VAL C 271 -34.07 27.08 -5.69
C VAL C 271 -33.73 25.60 -5.80
N PHE C 272 -32.53 25.21 -5.36
CA PHE C 272 -32.07 23.84 -5.42
C PHE C 272 -33.00 22.93 -4.65
N ALA C 273 -33.40 23.32 -3.40
CA ALA C 273 -34.34 22.56 -2.55
C ALA C 273 -35.70 22.44 -3.24
N GLN C 274 -36.22 23.54 -3.87
CA GLN C 274 -37.50 23.52 -4.59
C GLN C 274 -37.43 22.45 -5.70
N LEU C 275 -36.36 22.55 -6.55
CA LEU C 275 -36.04 21.70 -7.71
C LEU C 275 -35.94 20.26 -7.33
N PHE C 276 -35.47 20.00 -6.11
CA PHE C 276 -35.28 18.67 -5.54
C PHE C 276 -36.65 18.01 -5.30
N GLU C 277 -37.56 18.73 -4.58
CA GLU C 277 -38.93 18.30 -4.23
C GLU C 277 -39.83 18.11 -5.45
N ASP C 278 -39.77 19.05 -6.42
CA ASP C 278 -40.52 18.96 -7.67
C ASP C 278 -39.97 17.75 -8.45
N THR C 279 -40.85 16.83 -8.78
CA THR C 279 -40.48 15.62 -9.50
C THR C 279 -41.33 15.56 -10.72
N GLU C 280 -42.56 16.04 -10.57
CA GLU C 280 -43.53 16.14 -11.65
C GLU C 280 -42.91 16.92 -12.78
N ASN C 281 -42.18 17.98 -12.46
CA ASN C 281 -41.55 18.83 -13.45
C ASN C 281 -40.09 18.57 -13.73
N TYR C 282 -39.30 18.12 -12.75
CA TYR C 282 -37.86 17.89 -13.02
C TYR C 282 -37.44 16.48 -12.66
N PRO C 283 -37.72 15.52 -13.55
CA PRO C 283 -37.38 14.13 -13.23
C PRO C 283 -35.88 13.90 -13.23
N ASP C 284 -35.18 14.58 -14.15
CA ASP C 284 -33.73 14.55 -14.34
C ASP C 284 -32.99 14.95 -13.07
N VAL C 285 -33.51 15.97 -12.34
CA VAL C 285 -32.97 16.52 -11.08
C VAL C 285 -32.86 15.42 -10.01
N ARG C 286 -33.99 14.79 -9.69
CA ARG C 286 -33.98 13.74 -8.70
C ARG C 286 -33.33 12.45 -9.19
N ALA C 287 -33.21 12.27 -10.51
CA ALA C 287 -32.58 11.07 -11.01
C ALA C 287 -31.08 11.18 -10.97
N PHE C 288 -30.52 12.03 -11.82
CA PHE C 288 -29.08 12.21 -11.99
C PHE C 288 -28.37 13.02 -10.90
N SER C 289 -29.09 13.62 -9.94
CA SER C 289 -28.43 14.44 -8.93
C SER C 289 -28.85 14.35 -7.43
N THR C 290 -29.65 13.33 -7.04
CA THR C 290 -30.14 13.11 -5.66
C THR C 290 -29.07 13.30 -4.59
N ASN C 291 -27.99 12.53 -4.70
CA ASN C 291 -26.89 12.52 -3.75
C ASN C 291 -26.15 13.81 -3.61
N CYS C 292 -25.64 14.40 -4.71
CA CYS C 292 -24.88 15.65 -4.59
C CYS C 292 -25.72 16.83 -4.09
N LEU C 293 -27.07 16.72 -4.28
CA LEU C 293 -28.02 17.71 -3.79
C LEU C 293 -28.10 17.57 -2.28
N LEU C 294 -28.26 16.33 -1.78
CA LEU C 294 -28.27 16.02 -0.34
C LEU C 294 -27.03 16.60 0.32
N GLN C 295 -25.86 16.49 -0.36
CA GLN C 295 -24.57 17.02 0.09
C GLN C 295 -24.64 18.52 0.34
N LEU C 296 -25.24 19.25 -0.63
CA LEU C 296 -25.44 20.70 -0.61
C LEU C 296 -26.37 21.11 0.51
N PHE C 297 -27.45 20.32 0.74
CA PHE C 297 -28.40 20.55 1.84
C PHE C 297 -27.67 20.39 3.17
N ALA C 298 -26.76 19.38 3.27
CA ALA C 298 -25.93 19.19 4.46
C ALA C 298 -25.20 20.48 4.80
N GLU C 299 -24.62 21.14 3.78
CA GLU C 299 -23.91 22.40 3.98
C GLU C 299 -24.76 23.57 4.38
N VAL C 300 -26.03 23.62 3.93
CA VAL C 300 -27.02 24.67 4.26
C VAL C 300 -27.39 24.59 5.77
N SER C 301 -27.43 23.35 6.30
CA SER C 301 -27.68 23.11 7.72
C SER C 301 -26.34 23.12 8.44
N ARG C 302 -25.58 24.20 8.22
CA ARG C 302 -24.26 24.36 8.81
C ARG C 302 -23.88 25.81 8.82
N ILE C 303 -24.44 26.57 7.89
CA ILE C 303 -24.13 27.98 7.74
C ILE C 303 -24.60 28.88 8.86
N GLU C 304 -23.74 29.81 9.29
CA GLU C 304 -23.99 30.73 10.40
C GLU C 304 -25.13 31.68 10.14
N GLU C 305 -26.29 31.32 10.70
CA GLU C 305 -27.53 32.06 10.56
C GLU C 305 -28.44 31.95 11.79
N ASP C 306 -29.28 32.96 11.95
CA ASP C 306 -30.28 33.14 13.01
C ASP C 306 -31.12 31.89 13.25
N GLU C 307 -30.65 31.02 14.16
CA GLU C 307 -31.30 29.76 14.55
C GLU C 307 -31.83 28.98 13.35
N TYR C 308 -30.93 28.70 12.38
CA TYR C 308 -31.20 27.91 11.17
C TYR C 308 -32.44 28.39 10.36
N SER C 309 -32.65 29.71 10.28
CA SER C 309 -33.77 30.35 9.56
C SER C 309 -33.97 29.82 8.15
N LEU C 310 -32.99 30.06 7.25
CA LEU C 310 -33.00 29.63 5.84
C LEU C 310 -33.19 28.13 5.71
N PHE C 311 -32.42 27.35 6.48
CA PHE C 311 -32.56 25.92 6.39
C PHE C 311 -33.92 25.40 6.84
N LYS C 312 -34.48 25.87 7.98
CA LYS C 312 -35.79 25.36 8.39
C LYS C 312 -36.93 25.73 7.44
N THR C 313 -36.82 26.89 6.76
CA THR C 313 -37.78 27.28 5.73
C THR C 313 -37.63 26.31 4.55
N MET C 314 -36.37 26.03 4.16
CA MET C 314 -36.00 25.08 3.11
C MET C 314 -36.51 23.67 3.45
N ASP C 315 -36.54 23.31 4.74
CA ASP C 315 -37.02 22.02 5.23
C ASP C 315 -38.53 22.00 5.16
N LYS C 316 -39.22 23.02 5.70
CA LYS C 316 -40.67 23.07 5.73
C LYS C 316 -41.31 23.11 4.34
N ASP C 317 -40.79 23.95 3.46
CA ASP C 317 -41.32 24.17 2.12
C ASP C 317 -40.97 23.14 1.08
N SER C 318 -39.73 22.62 1.09
CA SER C 318 -39.21 21.73 0.05
C SER C 318 -38.62 20.36 0.48
N LEU C 319 -37.70 20.37 1.46
CA LEU C 319 -37.02 19.15 1.93
C LEU C 319 -37.94 18.17 2.65
N LYS C 320 -38.64 18.63 3.70
CA LYS C 320 -39.57 17.81 4.50
C LYS C 320 -38.87 16.58 5.08
N ILE C 321 -37.99 16.82 6.07
CA ILE C 321 -37.19 15.78 6.72
C ILE C 321 -38.08 14.89 7.51
N GLY C 322 -38.01 13.59 7.18
CA GLY C 322 -38.76 12.57 7.89
C GLY C 322 -40.03 12.12 7.21
N SER C 323 -40.65 13.01 6.41
CA SER C 323 -41.87 12.68 5.67
C SER C 323 -41.45 11.67 4.60
N GLU C 324 -40.26 11.95 4.05
CA GLU C 324 -39.62 11.18 3.01
C GLU C 324 -39.08 9.90 3.64
N ALA C 325 -39.85 8.81 3.49
CA ALA C 325 -39.57 7.47 3.99
C ALA C 325 -38.19 6.99 3.65
N LYS C 326 -37.90 6.73 2.38
CA LYS C 326 -36.60 6.23 1.91
C LYS C 326 -35.41 7.10 2.26
N LEU C 327 -35.61 8.39 2.38
CA LEU C 327 -34.54 9.34 2.63
C LEU C 327 -34.09 9.49 4.08
N ILE C 328 -34.89 9.01 5.07
CA ILE C 328 -34.60 9.12 6.52
C ILE C 328 -33.14 8.86 6.90
N THR C 329 -32.57 7.75 6.40
CA THR C 329 -31.18 7.41 6.68
C THR C 329 -30.22 8.47 6.16
N GLU C 330 -30.48 8.98 4.95
CA GLU C 330 -29.65 10.00 4.32
C GLU C 330 -29.70 11.29 5.09
N TRP C 331 -30.91 11.73 5.49
CA TRP C 331 -31.09 12.95 6.28
C TRP C 331 -30.27 12.86 7.59
N LEU C 332 -30.36 11.69 8.27
CA LEU C 332 -29.68 11.35 9.52
C LEU C 332 -28.17 11.19 9.39
N GLU C 333 -27.70 10.97 8.15
CA GLU C 333 -26.27 10.82 7.86
C GLU C 333 -25.62 12.13 7.52
N LEU C 334 -26.42 13.11 7.01
CA LEU C 334 -25.89 14.37 6.50
C LEU C 334 -26.21 15.66 7.23
N ILE C 335 -27.50 15.94 7.50
CA ILE C 335 -27.98 17.18 8.11
C ILE C 335 -27.41 17.45 9.48
N ASN C 336 -27.04 18.72 9.80
CA ASN C 336 -26.45 19.18 11.07
C ASN C 336 -27.07 18.46 12.25
N PRO C 337 -26.34 17.61 13.01
CA PRO C 337 -26.98 16.90 14.13
C PRO C 337 -27.54 17.83 15.21
N GLN C 338 -27.05 19.10 15.28
CA GLN C 338 -27.51 20.13 16.22
C GLN C 338 -28.93 20.50 15.86
N TYR C 339 -29.17 20.59 14.53
CA TYR C 339 -30.45 20.90 13.91
C TYR C 339 -31.36 19.68 14.01
N LEU C 340 -30.83 18.50 13.63
CA LEU C 340 -31.57 17.25 13.66
C LEU C 340 -32.17 16.99 15.03
N VAL C 341 -31.39 17.21 16.12
CA VAL C 341 -31.87 17.00 17.48
C VAL C 341 -32.95 18.03 17.88
N LYS C 342 -32.74 19.32 17.50
CA LYS C 342 -33.65 20.41 17.81
C LYS C 342 -35.03 20.21 17.18
N TYR C 343 -35.06 20.03 15.89
CA TYR C 343 -36.31 19.94 15.14
C TYR C 343 -36.82 18.53 14.82
N HIS C 344 -35.93 17.51 14.90
CA HIS C 344 -36.30 16.13 14.55
C HIS C 344 -35.89 15.07 15.57
N LYS C 345 -36.01 15.37 16.88
CA LYS C 345 -35.69 14.39 17.92
C LYS C 345 -36.43 13.07 17.63
N ASP C 346 -37.68 13.18 17.11
CA ASP C 346 -38.55 12.08 16.69
C ASP C 346 -37.86 11.21 15.68
N VAL C 347 -37.43 11.83 14.58
CA VAL C 347 -36.73 11.22 13.45
C VAL C 347 -35.42 10.56 13.92
N VAL C 348 -34.68 11.23 14.83
CA VAL C 348 -33.40 10.76 15.40
C VAL C 348 -33.63 9.60 16.35
N GLU C 349 -34.62 9.73 17.24
CA GLU C 349 -34.92 8.70 18.20
C GLU C 349 -35.56 7.49 17.61
N ASN C 350 -36.57 7.68 16.74
CA ASN C 350 -37.27 6.53 16.24
C ASN C 350 -36.57 5.73 15.14
N TYR C 351 -35.78 6.40 14.30
CA TYR C 351 -35.17 5.74 13.17
C TYR C 351 -33.70 5.26 13.24
N PHE C 352 -32.93 5.75 14.22
CA PHE C 352 -31.55 5.27 14.37
C PHE C 352 -31.57 4.04 15.26
N HIS C 353 -30.68 3.09 14.97
CA HIS C 353 -30.48 1.80 15.63
C HIS C 353 -29.00 1.48 15.55
N VAL C 354 -28.48 0.52 16.32
CA VAL C 354 -27.03 0.26 16.19
C VAL C 354 -26.69 -0.96 15.35
N SER C 355 -26.48 -0.74 14.05
CA SER C 355 -26.14 -1.80 13.11
C SER C 355 -24.84 -1.49 12.33
N GLY C 356 -24.45 -2.39 11.41
CA GLY C 356 -23.31 -2.19 10.51
C GLY C 356 -23.65 -1.07 9.56
N TYR C 357 -24.93 -1.06 9.15
CA TYR C 357 -25.64 -0.11 8.31
C TYR C 357 -25.61 1.30 8.91
N SER C 358 -26.01 1.41 10.21
CA SER C 358 -26.10 2.65 10.99
C SER C 358 -24.89 3.58 10.92
N ILE C 359 -23.62 3.03 11.06
CA ILE C 359 -22.29 3.71 11.07
C ILE C 359 -22.27 5.09 10.51
N GLY C 360 -22.85 5.27 9.31
CA GLY C 360 -22.98 6.55 8.62
C GLY C 360 -23.65 7.59 9.49
N MET C 361 -24.87 7.26 9.96
CA MET C 361 -25.63 8.11 10.87
C MET C 361 -24.89 8.22 12.19
N LEU C 362 -24.44 7.07 12.77
CA LEU C 362 -23.71 7.07 14.04
C LEU C 362 -22.63 8.15 14.07
N ARG C 363 -21.73 8.18 13.06
CA ARG C 363 -20.68 9.21 13.02
C ARG C 363 -21.16 10.65 12.91
N ASN C 364 -22.33 10.88 12.25
CA ASN C 364 -22.91 12.22 12.16
C ASN C 364 -23.69 12.60 13.43
N LEU C 365 -24.55 11.72 13.93
CA LEU C 365 -25.33 12.01 15.13
C LEU C 365 -24.43 12.19 16.41
N SER C 366 -23.24 11.59 16.42
CA SER C 366 -22.30 11.68 17.52
C SER C 366 -21.68 13.06 17.65
N ALA C 367 -21.64 13.84 16.55
CA ALA C 367 -21.02 15.18 16.50
C ALA C 367 -21.54 16.22 17.49
N ASP C 368 -22.83 16.20 17.81
CA ASP C 368 -23.36 17.13 18.82
C ASP C 368 -23.71 16.37 20.09
N GLU C 369 -23.24 16.84 21.26
CA GLU C 369 -23.49 16.18 22.53
C GLU C 369 -24.97 15.92 22.75
N GLU C 370 -25.81 16.96 22.61
CA GLU C 370 -27.26 16.90 22.79
C GLU C 370 -27.87 15.80 21.94
N CYS C 371 -27.43 15.72 20.66
CA CYS C 371 -27.87 14.73 19.68
C CYS C 371 -27.46 13.31 20.10
N PHE C 372 -26.18 13.11 20.47
CA PHE C 372 -25.68 11.80 20.91
C PHE C 372 -26.44 11.29 22.14
N ASN C 373 -26.90 12.20 23.03
CA ASN C 373 -27.69 11.84 24.21
C ASN C 373 -29.01 11.20 23.79
N ALA C 374 -29.61 11.71 22.70
CA ALA C 374 -30.86 11.22 22.12
C ALA C 374 -30.71 9.81 21.50
N ILE C 375 -29.47 9.40 21.13
CA ILE C 375 -29.13 8.07 20.57
C ILE C 375 -28.24 7.16 21.48
N ARG C 376 -28.01 7.59 22.73
CA ARG C 376 -27.24 6.84 23.72
C ARG C 376 -28.05 5.61 24.13
N ASN C 377 -29.40 5.74 24.16
CA ASN C 377 -30.31 4.66 24.54
C ASN C 377 -30.27 3.45 23.62
N LYS C 378 -29.91 3.67 22.35
CA LYS C 378 -29.81 2.61 21.33
C LYS C 378 -28.50 1.78 21.48
N PHE C 379 -27.70 2.07 22.52
CA PHE C 379 -26.41 1.45 22.79
C PHE C 379 -26.34 0.41 23.88
N SER C 380 -26.47 -0.85 23.51
CA SER C 380 -26.29 -1.94 24.45
C SER C 380 -24.84 -2.37 24.26
N ALA C 381 -24.21 -3.00 25.25
CA ALA C 381 -22.85 -3.51 25.04
C ALA C 381 -22.99 -4.73 24.14
N GLU C 382 -24.14 -5.40 24.24
CA GLU C 382 -24.46 -6.59 23.46
C GLU C 382 -24.69 -6.26 22.02
N ILE C 383 -25.56 -5.26 21.72
CA ILE C 383 -25.93 -4.83 20.37
C ILE C 383 -24.72 -4.49 19.49
N VAL C 384 -23.60 -4.11 20.14
CA VAL C 384 -22.34 -3.73 19.54
C VAL C 384 -21.43 -4.93 19.29
N LEU C 385 -21.42 -5.90 20.22
CA LEU C 385 -20.59 -7.09 20.05
C LEU C 385 -21.19 -8.07 19.04
N ARG C 386 -22.46 -7.84 18.62
CA ARG C 386 -23.19 -8.63 17.62
C ARG C 386 -22.48 -8.46 16.28
N LEU C 387 -22.06 -7.23 16.00
CA LEU C 387 -21.38 -6.83 14.77
C LEU C 387 -20.07 -7.54 14.52
N PRO C 388 -19.60 -7.63 13.24
CA PRO C 388 -18.27 -8.19 12.99
C PRO C 388 -17.23 -7.18 13.51
N TYR C 389 -15.98 -7.61 13.70
CA TYR C 389 -14.96 -6.71 14.25
C TYR C 389 -14.72 -5.43 13.52
N LEU C 390 -14.68 -5.49 12.16
CA LEU C 390 -14.47 -4.30 11.36
C LEU C 390 -15.53 -3.27 11.69
N GLU C 391 -16.79 -3.69 11.83
CA GLU C 391 -17.89 -2.78 12.18
C GLU C 391 -17.74 -2.22 13.57
N GLN C 392 -17.35 -3.08 14.52
CA GLN C 392 -17.14 -2.75 15.91
C GLN C 392 -16.08 -1.67 16.00
N MET C 393 -14.93 -1.91 15.33
CA MET C 393 -13.81 -0.97 15.33
C MET C 393 -14.15 0.40 14.78
N GLN C 394 -15.09 0.46 13.82
CA GLN C 394 -15.62 1.70 13.22
C GLN C 394 -16.49 2.38 14.25
N VAL C 395 -17.37 1.61 14.95
CA VAL C 395 -18.26 2.06 16.03
C VAL C 395 -17.44 2.59 17.20
N VAL C 396 -16.48 1.80 17.71
CA VAL C 396 -15.59 2.17 18.82
C VAL C 396 -14.83 3.44 18.45
N GLU C 397 -14.19 3.44 17.25
CA GLU C 397 -13.43 4.58 16.75
C GLU C 397 -14.33 5.80 16.68
N THR C 398 -15.59 5.65 16.25
CA THR C 398 -16.53 6.78 16.20
C THR C 398 -16.73 7.35 17.59
N LEU C 399 -16.95 6.47 18.59
CA LEU C 399 -17.13 6.84 20.00
C LEU C 399 -15.87 7.42 20.61
N THR C 400 -14.69 7.00 20.15
CA THR C 400 -13.40 7.50 20.63
C THR C 400 -13.08 8.97 20.19
N ARG C 401 -13.94 9.58 19.37
CA ARG C 401 -13.74 10.91 18.81
C ARG C 401 -14.07 12.07 19.70
N TYR C 402 -15.15 11.99 20.48
CA TYR C 402 -15.58 13.10 21.30
C TYR C 402 -15.43 12.83 22.79
N GLU C 403 -15.49 13.87 23.62
CA GLU C 403 -15.34 13.72 25.06
C GLU C 403 -16.45 12.82 25.59
N TYR C 404 -17.69 13.24 25.42
CA TYR C 404 -18.89 12.55 25.86
C TYR C 404 -19.03 11.12 25.35
N THR C 405 -18.60 10.84 24.10
CA THR C 405 -18.69 9.48 23.55
C THR C 405 -17.60 8.57 24.12
N SER C 406 -16.35 9.08 24.29
CA SER C 406 -15.25 8.30 24.86
C SER C 406 -15.59 7.95 26.26
N LYS C 407 -16.07 8.94 27.03
CA LYS C 407 -16.50 8.79 28.43
C LYS C 407 -17.56 7.72 28.58
N PHE C 408 -18.47 7.64 27.61
CA PHE C 408 -19.53 6.64 27.61
C PHE C 408 -18.98 5.25 27.28
N LEU C 409 -18.20 5.12 26.20
CA LEU C 409 -17.61 3.85 25.77
C LEU C 409 -16.77 3.26 26.89
N LEU C 410 -16.02 4.09 27.62
CA LEU C 410 -15.14 3.65 28.72
C LEU C 410 -15.90 3.14 29.95
N ASN C 411 -16.91 3.91 30.39
CA ASN C 411 -17.69 3.62 31.58
C ASN C 411 -18.89 2.73 31.40
N GLU C 412 -19.67 2.93 30.35
CA GLU C 412 -20.91 2.19 30.15
C GLU C 412 -20.89 0.89 29.39
N MET C 413 -20.01 0.74 28.41
CA MET C 413 -19.91 -0.50 27.63
C MET C 413 -18.51 -1.10 27.80
N PRO C 414 -18.22 -1.73 28.96
CA PRO C 414 -16.86 -2.20 29.20
C PRO C 414 -16.56 -3.51 28.47
N LYS C 415 -17.63 -4.23 28.10
CA LYS C 415 -17.59 -5.47 27.32
C LYS C 415 -16.99 -5.10 25.93
N VAL C 416 -17.43 -3.96 25.36
CA VAL C 416 -16.98 -3.36 24.09
C VAL C 416 -15.51 -2.92 24.22
N MET C 417 -15.15 -2.37 25.42
CA MET C 417 -13.78 -1.93 25.77
C MET C 417 -12.86 -3.14 25.72
N GLY C 418 -13.36 -4.23 26.26
CA GLY C 418 -12.69 -5.52 26.25
C GLY C 418 -12.46 -5.99 24.83
N SER C 419 -13.51 -5.91 23.99
CA SER C 419 -13.41 -6.31 22.59
C SER C 419 -12.34 -5.54 21.83
N LEU C 420 -12.24 -4.19 22.09
CA LEU C 420 -11.24 -3.29 21.47
C LEU C 420 -9.80 -3.71 21.84
N ILE C 421 -9.61 -4.07 23.13
CA ILE C 421 -8.33 -4.50 23.70
C ILE C 421 -7.99 -5.93 23.26
N GLY C 422 -9.02 -6.67 22.85
CA GLY C 422 -8.91 -8.04 22.36
C GLY C 422 -8.42 -9.00 23.41
N ASP C 423 -7.51 -9.89 23.03
CA ASP C 423 -6.90 -10.91 23.89
C ASP C 423 -5.49 -11.24 23.42
N GLY C 424 -4.87 -10.26 22.76
CA GLY C 424 -3.55 -10.41 22.15
C GLY C 424 -3.72 -10.94 20.75
N SER C 425 -4.61 -11.96 20.60
CA SER C 425 -5.01 -12.64 19.37
C SER C 425 -5.83 -11.68 18.47
N ALA C 426 -6.41 -10.59 19.08
CA ALA C 426 -7.15 -9.52 18.38
C ALA C 426 -6.17 -8.46 17.83
N GLY C 427 -4.88 -8.62 18.22
CA GLY C 427 -3.73 -7.85 17.76
C GLY C 427 -3.14 -8.47 16.49
N ALA C 428 -3.23 -9.83 16.36
CA ALA C 428 -2.79 -10.60 15.18
C ALA C 428 -3.99 -10.60 14.22
N ILE C 429 -4.36 -9.39 13.72
CA ILE C 429 -5.52 -9.16 12.85
C ILE C 429 -5.18 -9.05 11.36
N ILE C 430 -5.98 -9.75 10.55
CA ILE C 430 -5.86 -9.80 9.09
C ILE C 430 -6.15 -8.44 8.44
N ASP C 431 -7.46 -8.09 8.28
CA ASP C 431 -7.90 -6.87 7.61
C ASP C 431 -7.12 -5.65 8.03
N LEU C 432 -6.59 -4.93 7.06
CA LEU C 432 -5.79 -3.73 7.30
C LEU C 432 -6.66 -2.54 7.64
N GLU C 433 -7.87 -2.49 7.09
CA GLU C 433 -8.82 -1.40 7.35
C GLU C 433 -9.23 -1.48 8.82
N THR C 434 -9.53 -2.71 9.31
CA THR C 434 -9.89 -3.02 10.68
C THR C 434 -8.83 -2.47 11.61
N VAL C 435 -7.54 -2.67 11.26
CA VAL C 435 -6.44 -2.20 12.08
C VAL C 435 -6.33 -0.69 12.12
N HIS C 436 -6.59 0.00 10.98
CA HIS C 436 -6.53 1.46 10.98
C HIS C 436 -7.49 1.98 12.04
N TYR C 437 -8.78 1.60 11.91
CA TYR C 437 -9.86 2.02 12.79
C TYR C 437 -9.58 1.74 14.25
N ARG C 438 -9.05 0.52 14.52
CA ARG C 438 -8.71 0.02 15.86
C ARG C 438 -7.60 0.86 16.51
N ASN C 439 -6.48 1.08 15.76
CA ASN C 439 -5.34 1.85 16.24
C ASN C 439 -5.73 3.31 16.42
N SER C 440 -6.57 3.83 15.47
CA SER C 440 -7.16 5.17 15.53
C SER C 440 -7.84 5.28 16.91
N ALA C 441 -8.80 4.34 17.18
CA ALA C 441 -9.52 4.24 18.47
C ALA C 441 -8.58 4.18 19.68
N LEU C 442 -7.59 3.25 19.64
CA LEU C 442 -6.57 3.02 20.67
C LEU C 442 -5.88 4.33 21.10
N ARG C 443 -5.43 5.15 20.11
CA ARG C 443 -4.73 6.39 20.39
C ARG C 443 -5.67 7.44 20.85
N ASN C 444 -6.83 7.60 20.20
CA ASN C 444 -7.83 8.59 20.62
C ASN C 444 -8.21 8.42 22.11
N LEU C 445 -8.14 7.16 22.60
CA LEU C 445 -8.40 6.79 23.99
C LEU C 445 -7.22 7.15 24.87
N LEU C 446 -5.99 6.81 24.45
CA LEU C 446 -4.80 7.16 25.24
C LEU C 446 -4.57 8.67 25.36
N ASP C 447 -5.17 9.50 24.47
CA ASP C 447 -5.04 10.95 24.53
C ASP C 447 -5.80 11.55 25.70
N LYS C 448 -6.71 10.77 26.29
CA LYS C 448 -7.50 11.15 27.44
C LYS C 448 -6.59 11.28 28.67
N GLY C 449 -5.81 10.25 28.94
CA GLY C 449 -4.87 10.23 30.06
C GLY C 449 -5.06 9.10 31.04
N GLU C 450 -4.01 8.78 31.81
CA GLU C 450 -3.98 7.71 32.82
C GLU C 450 -5.16 7.69 33.79
N GLU C 451 -5.54 8.88 34.26
CA GLU C 451 -6.62 9.16 35.22
C GLU C 451 -7.97 8.83 34.63
N LYS C 452 -8.35 9.53 33.54
CA LYS C 452 -9.63 9.37 32.86
C LYS C 452 -9.87 7.92 32.48
N LEU C 453 -8.82 7.24 31.96
CA LEU C 453 -8.87 5.84 31.52
C LEU C 453 -8.99 4.86 32.68
N SER C 454 -8.16 5.05 33.75
CA SER C 454 -8.08 4.23 34.96
C SER C 454 -7.66 2.77 34.69
N VAL C 455 -8.57 1.79 34.95
CA VAL C 455 -8.35 0.35 34.76
C VAL C 455 -8.01 0.04 33.32
N TRP C 456 -8.45 0.90 32.39
CA TRP C 456 -8.22 0.78 30.95
C TRP C 456 -6.87 1.30 30.41
N TYR C 457 -6.17 2.21 31.14
CA TYR C 457 -4.89 2.78 30.68
C TYR C 457 -3.81 1.73 30.47
N GLU C 458 -3.53 0.92 31.50
CA GLU C 458 -2.48 -0.09 31.42
C GLU C 458 -2.62 -0.96 30.15
N PRO C 459 -3.80 -1.59 29.88
CA PRO C 459 -3.91 -2.42 28.67
C PRO C 459 -4.01 -1.63 27.39
N LEU C 460 -4.64 -0.42 27.42
CA LEU C 460 -4.77 0.43 26.22
C LEU C 460 -3.39 0.74 25.63
N LEU C 461 -2.40 1.08 26.54
CA LEU C 461 -1.02 1.38 26.18
C LEU C 461 -0.34 0.12 25.64
N ARG C 462 -0.49 -1.01 26.38
CA ARG C 462 0.05 -2.32 26.04
C ARG C 462 -0.38 -2.68 24.63
N GLU C 463 -1.69 -2.63 24.37
CA GLU C 463 -2.29 -2.92 23.06
C GLU C 463 -2.03 -1.88 21.98
N TYR C 464 -1.52 -0.69 22.36
CA TYR C 464 -1.16 0.35 21.41
C TYR C 464 0.30 0.14 20.98
N SER C 465 1.22 -0.09 21.96
CA SER C 465 2.62 -0.38 21.69
C SER C 465 2.68 -1.61 20.81
N LYS C 466 1.88 -2.64 21.15
CA LYS C 466 1.75 -3.88 20.38
C LYS C 466 1.47 -3.58 18.92
N ALA C 467 0.58 -2.62 18.64
CA ALA C 467 0.16 -2.25 17.29
C ALA C 467 1.09 -1.35 16.49
N VAL C 468 1.76 -0.39 17.14
CA VAL C 468 2.62 0.54 16.42
C VAL C 468 4.08 0.14 16.31
N ASN C 469 4.70 -0.25 17.44
CA ASN C 469 6.11 -0.66 17.57
C ASN C 469 6.47 -1.80 16.62
N GLY C 470 5.64 -2.85 16.58
CA GLY C 470 5.86 -4.04 15.74
C GLY C 470 4.59 -4.52 15.08
N SER D 6 -1.71 9.36 -2.90
CA SER D 6 -1.36 10.48 -3.78
C SER D 6 -2.50 10.97 -4.70
N LEU D 7 -3.40 10.07 -5.15
CA LEU D 7 -4.57 10.34 -6.00
C LEU D 7 -4.27 10.81 -7.43
N PRO D 8 -5.22 10.68 -8.37
CA PRO D 8 -4.92 11.05 -9.76
C PRO D 8 -5.41 12.44 -10.17
N ASP D 9 -4.66 13.07 -11.10
CA ASP D 9 -4.95 14.40 -11.66
C ASP D 9 -6.03 14.30 -12.72
N LEU D 10 -6.68 15.44 -13.02
CA LEU D 10 -7.74 15.54 -14.05
C LEU D 10 -7.38 14.74 -15.30
N GLU D 11 -6.11 14.77 -15.72
CA GLU D 11 -5.64 14.03 -16.88
C GLU D 11 -5.70 12.53 -16.60
N GLY D 12 -5.02 12.10 -15.54
CA GLY D 12 -4.96 10.70 -15.11
C GLY D 12 -6.31 10.07 -14.95
N ARG D 13 -7.25 10.82 -14.32
CA ARG D 13 -8.63 10.38 -14.10
C ARG D 13 -9.32 10.01 -15.42
N ALA D 14 -9.20 10.89 -16.44
CA ALA D 14 -9.74 10.64 -17.77
C ALA D 14 -9.05 9.39 -18.34
N ASN D 15 -7.71 9.30 -18.22
CA ASN D 15 -6.93 8.15 -18.69
C ASN D 15 -7.42 6.84 -18.08
N ILE D 16 -7.76 6.85 -16.77
CA ILE D 16 -8.31 5.67 -16.09
C ILE D 16 -9.60 5.31 -16.81
N PHE D 17 -10.54 6.27 -16.84
CA PHE D 17 -11.84 6.12 -17.48
C PHE D 17 -11.79 5.63 -18.93
N ARG D 18 -10.81 6.12 -19.73
CA ARG D 18 -10.69 5.76 -21.12
C ARG D 18 -10.16 4.36 -21.29
N ILE D 19 -9.05 4.03 -20.61
CA ILE D 19 -8.46 2.70 -20.69
C ILE D 19 -9.42 1.65 -20.17
N HIS D 20 -10.23 2.03 -19.19
CA HIS D 20 -11.18 1.14 -18.56
C HIS D 20 -12.42 0.82 -19.36
N SER D 21 -12.90 1.76 -20.17
CA SER D 21 -14.11 1.58 -20.98
C SER D 21 -13.85 0.75 -22.25
N LYS D 22 -12.58 0.47 -22.56
CA LYS D 22 -12.20 -0.34 -23.71
C LYS D 22 -12.87 -1.72 -23.60
N SER D 23 -12.73 -2.35 -22.42
CA SER D 23 -13.27 -3.66 -22.06
C SER D 23 -14.75 -3.60 -21.70
N MET D 24 -15.40 -2.49 -22.04
CA MET D 24 -16.81 -2.26 -21.76
C MET D 24 -17.55 -1.89 -23.01
N SER D 25 -18.86 -2.19 -23.04
CA SER D 25 -19.72 -1.78 -24.13
C SER D 25 -20.12 -0.37 -23.74
N VAL D 26 -19.67 0.63 -24.51
CA VAL D 26 -19.91 2.05 -24.21
C VAL D 26 -20.13 2.87 -25.47
N GLU D 27 -21.04 3.87 -25.41
CA GLU D 27 -21.32 4.75 -26.56
C GLU D 27 -20.14 5.64 -26.88
N ARG D 28 -20.03 6.03 -28.15
CA ARG D 28 -18.93 6.78 -28.72
C ARG D 28 -18.26 7.90 -27.92
N GLY D 29 -18.72 9.13 -28.09
CA GLY D 29 -18.13 10.31 -27.47
C GLY D 29 -18.58 10.68 -26.07
N ILE D 30 -18.16 9.90 -25.10
CA ILE D 30 -18.48 10.24 -23.72
C ILE D 30 -17.39 11.21 -23.29
N ARG D 31 -17.80 12.41 -22.86
CA ARG D 31 -16.89 13.48 -22.45
C ARG D 31 -16.17 13.15 -21.15
N TRP D 32 -15.14 12.30 -21.25
CA TRP D 32 -14.40 11.85 -20.08
C TRP D 32 -13.71 12.88 -19.22
N GLU D 33 -13.37 14.04 -19.79
CA GLU D 33 -12.79 15.14 -19.03
C GLU D 33 -13.86 15.62 -18.03
N LEU D 34 -15.10 15.76 -18.52
CA LEU D 34 -16.27 16.19 -17.78
C LEU D 34 -16.62 15.23 -16.65
N ILE D 35 -16.61 13.91 -16.96
CA ILE D 35 -16.90 12.85 -15.98
C ILE D 35 -15.85 12.91 -14.82
N SER D 36 -14.59 13.15 -15.18
CA SER D 36 -13.46 13.28 -14.27
C SER D 36 -13.60 14.50 -13.37
N ARG D 37 -14.23 15.61 -13.85
CA ARG D 37 -14.45 16.83 -13.06
C ARG D 37 -15.50 16.61 -11.96
N LEU D 38 -16.29 15.51 -12.12
CA LEU D 38 -17.33 15.07 -11.20
C LEU D 38 -16.81 14.04 -10.17
N CYS D 39 -15.60 13.48 -10.41
CA CYS D 39 -14.95 12.55 -9.48
C CYS D 39 -13.69 13.23 -9.00
N PRO D 40 -13.72 14.36 -8.25
CA PRO D 40 -12.45 14.97 -7.84
C PRO D 40 -11.91 14.28 -6.60
N ASN D 41 -10.58 14.16 -6.48
CA ASN D 41 -9.92 13.47 -5.38
C ASN D 41 -10.63 12.13 -5.13
N SER D 42 -10.59 11.28 -6.15
CA SER D 42 -11.25 9.99 -6.12
C SER D 42 -10.25 8.91 -6.48
N THR D 43 -10.20 7.83 -5.68
CA THR D 43 -9.29 6.69 -5.80
C THR D 43 -9.34 5.99 -7.15
N GLY D 44 -8.36 5.14 -7.39
CA GLY D 44 -8.26 4.35 -8.61
C GLY D 44 -9.52 3.55 -8.82
N ALA D 45 -9.76 2.56 -7.96
CA ALA D 45 -10.92 1.66 -7.99
C ALA D 45 -12.29 2.34 -7.74
N GLU D 46 -12.26 3.59 -7.26
CA GLU D 46 -13.47 4.39 -7.05
C GLU D 46 -14.04 4.69 -8.46
N LEU D 47 -13.14 5.14 -9.36
CA LEU D 47 -13.41 5.46 -10.76
C LEU D 47 -13.79 4.22 -11.53
N ARG D 48 -13.13 3.08 -11.23
CA ARG D 48 -13.40 1.78 -11.84
C ARG D 48 -14.81 1.33 -11.48
N SER D 49 -15.25 1.65 -10.24
CA SER D 49 -16.59 1.31 -9.79
C SER D 49 -17.65 2.20 -10.44
N VAL D 50 -17.28 3.47 -10.75
CA VAL D 50 -18.17 4.38 -11.47
C VAL D 50 -18.49 3.73 -12.87
N CYS D 51 -17.53 2.95 -13.41
CA CYS D 51 -17.68 2.23 -14.67
C CYS D 51 -18.57 1.04 -14.51
N THR D 52 -18.35 0.25 -13.45
CA THR D 52 -19.19 -0.90 -13.13
C THR D 52 -20.65 -0.43 -12.97
N GLU D 53 -20.83 0.71 -12.30
CA GLU D 53 -22.13 1.30 -12.10
C GLU D 53 -22.80 1.77 -13.34
N ALA D 54 -22.03 2.43 -14.22
CA ALA D 54 -22.51 2.90 -15.52
C ALA D 54 -23.03 1.70 -16.33
N GLY D 55 -22.27 0.58 -16.23
CA GLY D 55 -22.60 -0.70 -16.87
C GLY D 55 -23.91 -1.23 -16.35
N MET D 56 -24.13 -1.04 -15.04
CA MET D 56 -25.36 -1.47 -14.43
C MET D 56 -26.54 -0.65 -14.85
N PHE D 57 -26.42 0.69 -14.91
CA PHE D 57 -27.52 1.55 -15.35
C PHE D 57 -27.95 1.27 -16.76
N ALA D 58 -27.01 0.78 -17.59
CA ALA D 58 -27.28 0.38 -18.96
C ALA D 58 -28.11 -0.88 -18.93
N ILE D 59 -27.63 -1.93 -18.26
CA ILE D 59 -28.34 -3.19 -18.12
C ILE D 59 -29.72 -2.98 -17.51
N ARG D 60 -29.82 -2.07 -16.54
CA ARG D 60 -31.07 -1.71 -15.86
C ARG D 60 -32.10 -1.13 -16.78
N ALA D 61 -31.64 -0.38 -17.79
CA ALA D 61 -32.52 0.24 -18.78
C ALA D 61 -32.60 -0.60 -20.06
N ARG D 62 -32.31 -1.90 -19.93
CA ARG D 62 -32.30 -2.87 -21.03
C ARG D 62 -31.54 -2.30 -22.22
N ARG D 63 -30.27 -2.03 -21.99
CA ARG D 63 -29.36 -1.46 -23.00
C ARG D 63 -28.07 -2.22 -22.98
N LYS D 64 -27.36 -2.20 -24.10
CA LYS D 64 -26.07 -2.87 -24.16
C LYS D 64 -25.00 -1.81 -24.07
N VAL D 65 -25.17 -0.72 -24.83
CA VAL D 65 -24.25 0.40 -24.85
C VAL D 65 -24.61 1.40 -23.75
N ALA D 66 -23.66 1.63 -22.79
CA ALA D 66 -23.84 2.53 -21.64
C ALA D 66 -23.69 4.00 -22.03
N THR D 67 -24.72 4.82 -21.75
CA THR D 67 -24.76 6.25 -22.07
C THR D 67 -23.81 7.02 -21.17
N GLU D 68 -23.57 8.28 -21.52
CA GLU D 68 -22.81 9.20 -20.68
C GLU D 68 -23.72 9.50 -19.47
N LYS D 69 -25.06 9.49 -19.73
CA LYS D 69 -26.14 9.66 -18.75
C LYS D 69 -26.04 8.54 -17.69
N ASP D 70 -25.72 7.29 -18.15
CA ASP D 70 -25.54 6.10 -17.30
C ASP D 70 -24.33 6.28 -16.40
N PHE D 71 -23.30 6.99 -16.91
CA PHE D 71 -22.10 7.34 -16.15
C PHE D 71 -22.40 8.44 -15.12
N LEU D 72 -23.30 9.40 -15.45
CA LEU D 72 -23.70 10.48 -14.55
C LEU D 72 -24.45 9.91 -13.36
N LYS D 73 -25.33 8.91 -13.65
CA LYS D 73 -26.14 8.15 -12.71
C LYS D 73 -25.18 7.36 -11.82
N ALA D 74 -24.10 6.84 -12.46
CA ALA D 74 -23.04 6.08 -11.83
C ALA D 74 -22.27 6.94 -10.88
N VAL D 75 -21.89 8.18 -11.26
CA VAL D 75 -21.14 9.09 -10.39
C VAL D 75 -21.99 9.44 -9.16
N ASP D 76 -23.26 9.89 -9.37
CA ASP D 76 -24.16 10.26 -8.27
C ASP D 76 -24.32 9.12 -7.28
N LYS D 77 -24.36 7.87 -7.79
CA LYS D 77 -24.45 6.68 -6.96
C LYS D 77 -23.17 6.42 -6.14
N VAL D 78 -22.00 6.31 -6.82
CA VAL D 78 -20.72 5.99 -6.18
C VAL D 78 -19.97 7.15 -5.55
N ILE D 79 -19.77 8.25 -6.27
CA ILE D 79 -19.01 9.37 -5.77
C ILE D 79 -19.80 10.19 -4.74
N SER D 80 -20.95 10.78 -5.15
CA SER D 80 -21.77 11.64 -4.30
C SER D 80 -22.50 10.86 -3.22
N GLY D 81 -22.60 9.55 -3.42
CA GLY D 81 -23.27 8.64 -2.50
C GLY D 81 -22.45 8.09 -1.35
N TYR D 82 -21.28 8.70 -1.03
CA TYR D 82 -20.40 8.28 0.06
C TYR D 82 -21.06 8.69 1.39
N UNK E 1 4.11 -11.39 25.90
CA UNK E 1 3.52 -11.90 27.14
C UNK E 1 2.14 -12.58 26.94
N UNK E 2 1.49 -12.38 25.75
CA UNK E 2 0.18 -12.92 25.37
C UNK E 2 0.11 -14.48 25.36
N UNK E 3 0.05 -15.05 26.59
CA UNK E 3 0.01 -16.48 26.90
C UNK E 3 -1.34 -17.13 26.56
N UNK E 4 -1.62 -17.25 25.25
CA UNK E 4 -2.85 -17.80 24.68
C UNK E 4 -2.96 -19.35 24.69
N UNK E 5 -2.30 -20.01 25.67
CA UNK E 5 -2.22 -21.47 25.89
C UNK E 5 -3.51 -22.29 25.74
N UNK E 6 -3.36 -23.48 25.13
CA UNK E 6 -4.34 -24.53 24.84
C UNK E 6 -3.53 -25.55 23.99
N UNK E 7 -3.04 -26.66 24.64
CA UNK E 7 -2.14 -27.67 24.02
C UNK E 7 -2.59 -29.16 23.84
N UNK E 8 -1.96 -30.08 24.61
CA UNK E 8 -2.16 -31.54 24.54
C UNK E 8 -3.59 -32.01 24.80
N UNK E 9 -4.25 -31.52 25.88
CA UNK E 9 -5.61 -31.91 26.33
C UNK E 9 -5.84 -33.45 26.41
N UNK E 10 -4.73 -34.21 26.67
CA UNK E 10 -4.69 -35.67 26.78
C UNK E 10 -4.37 -36.09 28.22
#